data_4UR0
#
_entry.id   4UR0
#
_cell.length_a   73.956
_cell.length_b   73.956
_cell.length_c   185.421
_cell.angle_alpha   90.00
_cell.angle_beta   90.00
_cell.angle_gamma   90.00
#
_symmetry.space_group_name_H-M   'P 41'
#
loop_
_entity.id
_entity.type
_entity.pdbx_description
1 polymer 'TETRACHLOROETHENE REDUCTIVE DEHALOGENASE CATALYTIC SUBUNIT PCEA'
2 non-polymer 'IRON/SULFUR CLUSTER'
3 non-polymer NORPSEUDO-B12
4 non-polymer BENZAMIDINE
5 non-polymer GLYCEROL
6 non-polymer 1,1,2-trichloroethene
7 water water
#
_entity_poly.entity_id   1
_entity_poly.type   'polypeptide(L)'
_entity_poly.pdbx_seq_one_letter_code
;AEKEKNAAEIRQQFAMTAGSPIIVNDKLERYAEVRTAFTHPTSFFKPNYKGEVKPWFLSAYDEKVRQIENGENGPKMKAK
NVGEARAGRALEAAGWTLDINYGNIYPNRFFMLWSGETMTNTQLWAPVGLDRRPPDTTDPVELTNYVKFAARMAGADLVG
VARLNRNWVYSEAVTIPADVPYEQSLHKEIEKPIVFKDVPLPIETDDELIIPNTCENVIVAGIAMNREMMQTAPNSMACA
TTAFCYSRMCMFDMWLCQFIRYMGYYAIPSCNGVGQSVAFAVEAGLGQASRMGACITPEFGPNVRLTKVFTNMPLVPDKP
IDFGVTEFCETCKKCARECPSKAITEGPRTFEGRSIHNQSGKLQWQNDYNKCLGYWPESGGYCGVCVAVCPFTKGNIWIH
DGVEWLIDNTRFLDPLMLGMDDALGYGAKRNITEVWDGKINTYGLDADHFRDTVSFRKDRVKKS
;
_entity_poly.pdbx_strand_id   A,B
#
# COMPACT_ATOMS: atom_id res chain seq x y z
N ALA A 1 4.84 39.14 1.53
CA ALA A 1 5.37 37.85 1.09
C ALA A 1 4.32 36.77 1.21
N GLU A 2 4.49 35.67 0.49
CA GLU A 2 3.47 34.63 0.53
C GLU A 2 3.54 33.80 1.82
N LYS A 3 2.38 33.63 2.47
CA LYS A 3 2.32 32.74 3.63
C LYS A 3 2.38 31.31 3.15
N GLU A 4 3.24 30.50 3.77
CA GLU A 4 3.37 29.12 3.32
C GLU A 4 2.12 28.36 3.76
N LYS A 5 1.61 27.52 2.86
CA LYS A 5 0.38 26.80 3.12
C LYS A 5 0.45 26.01 4.42
N ASN A 6 -0.62 26.09 5.20
CA ASN A 6 -0.74 25.38 6.45
C ASN A 6 -2.08 24.65 6.48
N ALA A 7 -2.08 23.39 6.06
CA ALA A 7 -3.30 22.60 5.97
C ALA A 7 -3.96 22.42 7.33
N ALA A 8 -3.16 22.30 8.38
CA ALA A 8 -3.72 22.14 9.72
C ALA A 8 -4.44 23.41 10.18
N GLU A 9 -3.84 24.56 9.87
CA GLU A 9 -4.41 25.87 10.16
C GLU A 9 -5.74 26.04 9.45
N ILE A 10 -5.77 25.61 8.19
CA ILE A 10 -6.97 25.70 7.39
C ILE A 10 -8.07 24.88 8.05
N ARG A 11 -7.75 23.66 8.46
CA ARG A 11 -8.77 22.79 9.06
C ARG A 11 -9.27 23.37 10.37
N GLN A 12 -8.36 23.98 11.12
CA GLN A 12 -8.71 24.62 12.38
C GLN A 12 -9.66 25.80 12.16
N GLN A 13 -9.40 26.58 11.11
CA GLN A 13 -10.20 27.76 10.82
C GLN A 13 -11.66 27.42 10.49
N PHE A 14 -11.87 26.30 9.81
CA PHE A 14 -13.20 25.96 9.31
C PHE A 14 -13.92 24.88 10.12
N ALA A 15 -13.35 24.53 11.27
CA ALA A 15 -13.99 23.53 12.14
C ALA A 15 -15.35 24.04 12.64
N MET A 16 -16.30 23.11 12.73
N MET A 16 -16.30 23.12 12.75
CA MET A 16 -17.65 23.39 13.23
CA MET A 16 -17.62 23.49 13.27
C MET A 16 -17.77 22.96 14.70
C MET A 16 -17.84 22.87 14.64
N THR A 17 -18.87 23.32 15.33
CA THR A 17 -19.22 22.73 16.62
C THR A 17 -19.76 21.33 16.35
N ALA A 18 -19.83 20.53 17.40
CA ALA A 18 -20.26 19.14 17.28
C ALA A 18 -21.68 19.03 16.72
N GLY A 19 -21.91 18.01 15.92
CA GLY A 19 -23.24 17.68 15.44
C GLY A 19 -23.20 17.23 14.00
N SER A 20 -23.89 16.14 13.67
CA SER A 20 -23.94 15.69 12.27
C SER A 20 -24.45 16.82 11.39
N PRO A 21 -23.70 17.15 10.33
CA PRO A 21 -24.08 18.24 9.43
C PRO A 21 -25.23 17.86 8.50
N ILE A 22 -25.43 16.57 8.29
CA ILE A 22 -26.41 16.11 7.31
C ILE A 22 -27.85 16.37 7.81
N ILE A 23 -28.60 17.12 7.02
CA ILE A 23 -29.97 17.49 7.38
C ILE A 23 -30.92 16.42 6.90
N VAL A 24 -31.73 15.90 7.81
CA VAL A 24 -32.63 14.79 7.47
C VAL A 24 -34.06 15.08 7.85
N ASN A 25 -34.99 14.33 7.28
CA ASN A 25 -36.35 14.41 7.76
C ASN A 25 -36.96 13.02 7.95
N ASP A 26 -38.27 12.97 8.15
CA ASP A 26 -38.92 11.75 8.59
C ASP A 26 -39.07 10.65 7.53
N LYS A 27 -38.78 10.96 6.27
CA LYS A 27 -38.91 9.91 5.27
C LYS A 27 -37.62 9.09 5.18
N LEU A 28 -36.64 9.40 6.05
CA LEU A 28 -35.35 8.71 6.01
C LEU A 28 -35.48 7.28 6.56
N GLU A 29 -35.00 6.32 5.78
CA GLU A 29 -34.96 4.90 6.18
C GLU A 29 -33.61 4.36 5.77
N ARG A 30 -33.12 3.34 6.46
CA ARG A 30 -31.86 2.76 6.02
C ARG A 30 -32.02 2.17 4.61
N TYR A 31 -30.93 2.19 3.85
CA TYR A 31 -30.94 1.93 2.40
C TYR A 31 -30.40 0.55 2.09
N ALA A 32 -31.15 -0.27 1.34
CA ALA A 32 -30.67 -1.60 0.95
C ALA A 32 -29.62 -1.51 -0.14
N GLU A 33 -28.45 -2.09 0.10
CA GLU A 33 -27.29 -1.94 -0.79
C GLU A 33 -27.58 -2.42 -2.21
N VAL A 34 -28.49 -3.37 -2.37
CA VAL A 34 -28.80 -3.88 -3.70
C VAL A 34 -29.39 -2.78 -4.61
N ARG A 35 -29.84 -1.68 -4.00
CA ARG A 35 -30.36 -0.55 -4.76
C ARG A 35 -29.29 0.26 -5.53
N THR A 36 -28.01 0.07 -5.23
CA THR A 36 -27.01 0.85 -5.96
C THR A 36 -27.06 0.50 -7.44
N ALA A 37 -26.65 1.42 -8.30
CA ALA A 37 -26.72 1.18 -9.74
C ALA A 37 -25.88 -0.02 -10.17
N PHE A 38 -24.80 -0.30 -9.45
CA PHE A 38 -23.95 -1.46 -9.75
C PHE A 38 -24.68 -2.80 -9.63
N THR A 39 -25.70 -2.84 -8.77
CA THR A 39 -26.26 -4.12 -8.37
C THR A 39 -27.75 -4.24 -8.69
N HIS A 40 -28.43 -3.11 -8.83
CA HIS A 40 -29.88 -3.20 -9.02
C HIS A 40 -30.22 -3.77 -10.40
N PRO A 41 -31.24 -4.66 -10.48
CA PRO A 41 -31.63 -5.25 -11.76
C PRO A 41 -31.97 -4.23 -12.86
N THR A 42 -32.51 -3.06 -12.49
CA THR A 42 -32.89 -2.06 -13.50
C THR A 42 -31.67 -1.40 -14.16
N SER A 43 -30.51 -1.46 -13.51
CA SER A 43 -29.36 -0.69 -13.96
C SER A 43 -28.15 -1.56 -14.27
N PHE A 44 -28.18 -2.81 -13.80
CA PHE A 44 -27.03 -3.72 -13.86
C PHE A 44 -26.66 -4.06 -15.29
N PHE A 45 -27.67 -4.21 -16.13
CA PHE A 45 -27.46 -4.58 -17.53
C PHE A 45 -27.37 -3.36 -18.43
N LYS A 46 -26.35 -3.33 -19.28
CA LYS A 46 -26.16 -2.26 -20.26
C LYS A 46 -25.74 -2.87 -21.59
N PRO A 47 -26.09 -2.22 -22.70
CA PRO A 47 -25.65 -2.71 -24.01
C PRO A 47 -24.17 -2.45 -24.23
N ASN A 48 -23.50 -3.32 -24.97
CA ASN A 48 -22.14 -3.01 -25.43
C ASN A 48 -22.22 -2.26 -26.76
N TYR A 49 -21.09 -2.02 -27.42
CA TYR A 49 -21.12 -1.16 -28.60
C TYR A 49 -21.79 -1.83 -29.81
N LYS A 50 -22.07 -3.13 -29.71
CA LYS A 50 -22.80 -3.89 -30.73
C LYS A 50 -24.28 -4.06 -30.38
N GLY A 51 -24.70 -3.50 -29.25
CA GLY A 51 -26.09 -3.58 -28.82
C GLY A 51 -26.45 -4.81 -28.00
N GLU A 52 -25.47 -5.66 -27.68
CA GLU A 52 -25.70 -6.83 -26.84
C GLU A 52 -25.87 -6.43 -25.38
N VAL A 53 -26.92 -6.91 -24.73
CA VAL A 53 -27.18 -6.53 -23.35
C VAL A 53 -26.43 -7.45 -22.40
N LYS A 54 -25.55 -6.87 -21.59
CA LYS A 54 -24.68 -7.64 -20.70
C LYS A 54 -24.59 -6.98 -19.34
N PRO A 55 -24.05 -7.71 -18.33
CA PRO A 55 -23.61 -7.00 -17.12
C PRO A 55 -22.75 -5.81 -17.51
N TRP A 56 -22.92 -4.69 -16.80
CA TRP A 56 -22.28 -3.45 -17.20
C TRP A 56 -20.77 -3.60 -17.38
N PHE A 57 -20.11 -4.33 -16.47
CA PHE A 57 -18.66 -4.40 -16.51
C PHE A 57 -18.20 -5.26 -17.69
N LEU A 58 -19.04 -6.20 -18.12
CA LEU A 58 -18.72 -7.02 -19.29
C LEU A 58 -18.86 -6.21 -20.60
N SER A 59 -19.86 -5.35 -20.66
CA SER A 59 -19.99 -4.44 -21.80
C SER A 59 -18.81 -3.46 -21.85
N ALA A 60 -18.39 -3.00 -20.67
CA ALA A 60 -17.22 -2.13 -20.60
C ALA A 60 -15.95 -2.86 -21.07
N TYR A 61 -15.80 -4.13 -20.69
CA TYR A 61 -14.66 -4.93 -21.16
C TYR A 61 -14.59 -4.94 -22.68
N ASP A 62 -15.75 -5.13 -23.31
CA ASP A 62 -15.82 -5.18 -24.78
C ASP A 62 -15.27 -3.88 -25.35
N GLU A 63 -15.63 -2.76 -24.71
CA GLU A 63 -15.14 -1.46 -25.14
C GLU A 63 -13.63 -1.32 -24.91
N LYS A 64 -13.12 -1.81 -23.77
CA LYS A 64 -11.66 -1.78 -23.54
C LYS A 64 -10.92 -2.55 -24.64
N VAL A 65 -11.39 -3.74 -24.96
CA VAL A 65 -10.78 -4.58 -26.00
C VAL A 65 -10.80 -3.86 -27.34
N ARG A 66 -11.95 -3.27 -27.69
CA ARG A 66 -12.07 -2.54 -28.94
C ARG A 66 -11.10 -1.37 -29.01
N GLN A 67 -10.94 -0.65 -27.90
CA GLN A 67 -10.03 0.49 -27.90
C GLN A 67 -8.58 0.04 -28.08
N ILE A 68 -8.18 -1.00 -27.37
CA ILE A 68 -6.82 -1.49 -27.51
C ILE A 68 -6.53 -1.84 -28.96
N GLU A 69 -7.45 -2.58 -29.58
CA GLU A 69 -7.22 -3.04 -30.95
C GLU A 69 -7.19 -1.85 -31.91
N ASN A 70 -7.90 -0.78 -31.58
CA ASN A 70 -7.93 0.42 -32.40
C ASN A 70 -6.94 1.51 -31.97
N GLY A 71 -6.08 1.20 -31.01
CA GLY A 71 -5.04 2.13 -30.60
C GLY A 71 -5.57 3.37 -29.91
N GLU A 72 -6.56 3.17 -29.05
CA GLU A 72 -7.19 4.26 -28.30
C GLU A 72 -7.02 4.12 -26.78
N ASN A 73 -6.93 5.27 -26.09
CA ASN A 73 -6.88 5.30 -24.62
C ASN A 73 -8.23 5.60 -23.99
N GLY A 74 -9.24 5.88 -24.81
CA GLY A 74 -10.56 6.18 -24.32
C GLY A 74 -11.48 6.43 -25.49
N PRO A 75 -12.72 6.88 -25.24
CA PRO A 75 -13.68 7.09 -26.32
C PRO A 75 -13.26 8.24 -27.26
N LYS A 76 -13.10 7.93 -28.54
CA LYS A 76 -12.61 8.89 -29.54
C LYS A 76 -11.28 9.54 -29.15
N MET A 77 -10.47 8.84 -28.37
CA MET A 77 -9.16 9.37 -27.97
C MET A 77 -8.03 8.45 -28.43
N LYS A 78 -7.36 8.84 -29.51
CA LYS A 78 -6.30 8.02 -30.07
C LYS A 78 -5.10 8.00 -29.12
N ALA A 79 -4.51 6.81 -28.94
CA ALA A 79 -3.27 6.68 -28.18
C ALA A 79 -2.08 6.96 -29.08
N LYS A 80 -0.88 7.05 -28.50
CA LYS A 80 0.31 7.20 -29.32
C LYS A 80 0.43 6.02 -30.29
N ASN A 81 0.09 4.83 -29.78
CA ASN A 81 0.07 3.60 -30.56
C ASN A 81 -0.68 2.52 -29.78
N VAL A 82 -0.80 1.33 -30.36
CA VAL A 82 -1.50 0.24 -29.69
C VAL A 82 -0.79 -0.17 -28.40
N GLY A 83 0.54 -0.15 -28.43
CA GLY A 83 1.34 -0.44 -27.26
C GLY A 83 0.97 0.43 -26.07
N GLU A 84 0.80 1.73 -26.30
CA GLU A 84 0.37 2.63 -25.23
C GLU A 84 -1.05 2.34 -24.76
N ALA A 85 -1.95 2.07 -25.70
CA ALA A 85 -3.31 1.70 -25.35
C ALA A 85 -3.34 0.48 -24.44
N ARG A 86 -2.57 -0.55 -24.82
N ARG A 86 -2.54 -0.54 -24.78
CA ARG A 86 -2.44 -1.79 -24.05
CA ARG A 86 -2.52 -1.78 -24.01
C ARG A 86 -1.90 -1.52 -22.65
C ARG A 86 -1.84 -1.61 -22.65
N ALA A 87 -0.86 -0.71 -22.57
CA ALA A 87 -0.20 -0.42 -21.29
C ALA A 87 -1.16 0.22 -20.29
N GLY A 88 -2.01 1.13 -20.78
CA GLY A 88 -2.95 1.82 -19.91
C GLY A 88 -3.91 0.82 -19.29
N ARG A 89 -4.37 -0.13 -20.09
CA ARG A 89 -5.33 -1.11 -19.58
C ARG A 89 -4.63 -2.17 -18.72
N ALA A 90 -3.38 -2.48 -19.01
CA ALA A 90 -2.62 -3.40 -18.15
C ALA A 90 -2.41 -2.79 -16.75
N LEU A 91 -2.11 -1.49 -16.71
CA LEU A 91 -1.96 -0.79 -15.45
C LEU A 91 -3.26 -0.79 -14.63
N GLU A 92 -4.36 -0.40 -15.28
CA GLU A 92 -5.68 -0.43 -14.65
C GLU A 92 -6.01 -1.83 -14.08
N ALA A 93 -5.89 -2.86 -14.91
CA ALA A 93 -6.22 -4.23 -14.49
C ALA A 93 -5.37 -4.63 -13.28
N ALA A 94 -4.08 -4.36 -13.34
CA ALA A 94 -3.17 -4.71 -12.25
C ALA A 94 -3.53 -3.96 -10.96
N GLY A 95 -3.98 -2.72 -11.08
CA GLY A 95 -4.34 -1.91 -9.93
C GLY A 95 -5.31 -2.61 -8.98
N TRP A 96 -6.22 -3.39 -9.56
CA TRP A 96 -7.31 -4.06 -8.84
C TRP A 96 -6.93 -5.35 -8.09
N THR A 97 -5.63 -5.66 -8.04
CA THR A 97 -5.17 -6.97 -7.54
C THR A 97 -5.72 -7.36 -6.16
N LEU A 98 -5.83 -6.39 -5.25
CA LEU A 98 -6.29 -6.73 -3.90
C LEU A 98 -7.73 -6.28 -3.67
N ASP A 99 -8.57 -6.44 -4.68
CA ASP A 99 -9.96 -6.02 -4.55
C ASP A 99 -10.84 -7.08 -5.21
N ILE A 100 -11.95 -7.42 -4.56
CA ILE A 100 -12.86 -8.45 -5.07
C ILE A 100 -14.06 -7.83 -5.77
N ASN A 101 -14.27 -8.19 -7.04
CA ASN A 101 -15.45 -7.81 -7.81
C ASN A 101 -15.81 -6.33 -7.72
N TYR A 102 -14.79 -5.49 -7.88
CA TYR A 102 -14.96 -4.03 -7.95
C TYR A 102 -15.61 -3.47 -6.70
N GLY A 103 -14.93 -3.58 -5.57
CA GLY A 103 -15.31 -2.82 -4.40
C GLY A 103 -15.19 -3.50 -3.05
N ASN A 104 -14.92 -4.81 -3.04
CA ASN A 104 -14.89 -5.57 -1.79
C ASN A 104 -16.17 -5.42 -0.97
N ILE A 105 -17.34 -5.45 -1.60
CA ILE A 105 -18.53 -5.11 -0.82
C ILE A 105 -19.10 -6.25 0.04
N TYR A 106 -18.78 -7.50 -0.27
CA TYR A 106 -19.35 -8.62 0.50
C TYR A 106 -18.79 -8.61 1.91
N PRO A 107 -19.63 -8.39 2.92
CA PRO A 107 -19.06 -8.36 4.28
C PRO A 107 -18.65 -9.75 4.77
N ASN A 108 -17.53 -9.82 5.48
CA ASN A 108 -17.08 -11.06 6.09
C ASN A 108 -16.81 -12.15 5.05
N ARG A 109 -16.37 -11.71 3.87
CA ARG A 109 -15.89 -12.60 2.82
C ARG A 109 -14.51 -12.13 2.40
N PHE A 110 -13.66 -13.08 1.98
CA PHE A 110 -12.38 -12.77 1.33
C PHE A 110 -11.51 -11.85 2.18
N PHE A 111 -11.28 -10.61 1.77
CA PHE A 111 -10.43 -9.71 2.55
C PHE A 111 -11.16 -9.03 3.72
N MET A 112 -12.49 -9.02 3.66
CA MET A 112 -13.29 -8.21 4.56
C MET A 112 -13.77 -9.00 5.78
N LEU A 113 -12.90 -9.81 6.36
CA LEU A 113 -13.33 -10.64 7.49
C LEU A 113 -13.64 -9.82 8.73
N TRP A 114 -14.71 -10.20 9.43
CA TRP A 114 -15.19 -9.45 10.59
C TRP A 114 -14.47 -9.86 11.87
N SER A 115 -13.80 -11.01 11.81
CA SER A 115 -12.91 -11.47 12.86
C SER A 115 -11.54 -11.74 12.29
N GLY A 116 -10.51 -11.56 13.11
CA GLY A 116 -9.16 -11.86 12.66
C GLY A 116 -8.73 -13.31 12.84
N GLU A 117 -9.56 -14.15 13.48
CA GLU A 117 -9.05 -15.43 13.98
C GLU A 117 -8.46 -16.37 12.91
N THR A 118 -9.02 -16.37 11.70
CA THR A 118 -8.56 -17.29 10.67
C THR A 118 -7.42 -16.71 9.83
N MET A 119 -7.09 -15.45 10.03
CA MET A 119 -6.09 -14.81 9.20
C MET A 119 -4.71 -15.40 9.50
N THR A 120 -3.91 -15.57 8.44
CA THR A 120 -2.58 -16.16 8.59
C THR A 120 -1.72 -15.36 9.56
N ASN A 121 -1.86 -14.03 9.54
CA ASN A 121 -1.10 -13.18 10.45
C ASN A 121 -1.52 -13.42 11.91
N THR A 122 -2.83 -13.50 12.16
CA THR A 122 -3.32 -13.78 13.51
C THR A 122 -2.82 -15.13 14.03
N GLN A 123 -2.87 -16.15 13.18
CA GLN A 123 -2.34 -17.48 13.53
C GLN A 123 -0.87 -17.43 13.89
N LEU A 124 -0.08 -16.71 13.10
CA LEU A 124 1.37 -16.63 13.34
C LEU A 124 1.67 -16.02 14.72
N TRP A 125 0.89 -15.00 15.06
CA TRP A 125 1.08 -14.20 16.29
C TRP A 125 0.32 -14.72 17.50
N ALA A 126 -0.44 -15.79 17.32
CA ALA A 126 -1.27 -16.35 18.38
C ALA A 126 -0.55 -16.57 19.73
N PRO A 127 0.72 -17.04 19.73
CA PRO A 127 1.36 -17.24 21.05
C PRO A 127 1.55 -15.98 21.89
N VAL A 128 1.52 -14.80 21.27
CA VAL A 128 1.66 -13.56 22.01
C VAL A 128 0.33 -13.17 22.64
N GLY A 129 -0.75 -13.59 22.01
CA GLY A 129 -2.08 -13.46 22.58
C GLY A 129 -2.63 -12.05 22.59
N LEU A 130 -2.16 -11.21 21.68
CA LEU A 130 -2.57 -9.82 21.67
C LEU A 130 -4.07 -9.69 21.42
N ASP A 131 -4.62 -10.60 20.62
CA ASP A 131 -6.04 -10.55 20.31
C ASP A 131 -6.92 -11.06 21.45
N ARG A 132 -6.31 -11.75 22.42
CA ARG A 132 -7.04 -12.27 23.58
C ARG A 132 -6.80 -11.49 24.87
N ARG A 133 -5.76 -10.65 24.91
CA ARG A 133 -5.43 -9.87 26.11
C ARG A 133 -6.40 -8.70 26.25
N PRO A 134 -6.99 -8.51 27.45
CA PRO A 134 -7.87 -7.34 27.63
C PRO A 134 -7.13 -6.04 27.31
N PRO A 135 -7.86 -5.02 26.82
CA PRO A 135 -7.22 -3.74 26.48
C PRO A 135 -6.42 -3.18 27.65
N ASP A 136 -5.23 -2.67 27.36
CA ASP A 136 -4.40 -2.04 28.37
C ASP A 136 -4.68 -0.54 28.39
N THR A 137 -5.35 -0.06 27.34
CA THR A 137 -5.72 1.36 27.25
C THR A 137 -7.21 1.48 26.98
N THR A 138 -7.90 2.27 27.80
CA THR A 138 -9.34 2.52 27.62
C THR A 138 -9.62 4.02 27.45
N ASP A 139 -8.59 4.84 27.71
CA ASP A 139 -8.69 6.29 27.55
C ASP A 139 -8.85 6.65 26.08
N PRO A 140 -9.98 7.24 25.71
CA PRO A 140 -10.21 7.53 24.29
C PRO A 140 -9.23 8.56 23.71
N VAL A 141 -8.68 9.44 24.54
CA VAL A 141 -7.69 10.39 24.03
C VAL A 141 -6.42 9.66 23.56
N GLU A 142 -5.85 8.81 24.41
CA GLU A 142 -4.66 8.07 23.98
C GLU A 142 -4.96 7.13 22.81
N LEU A 143 -6.13 6.50 22.83
CA LEU A 143 -6.49 5.54 21.79
C LEU A 143 -6.63 6.23 20.44
N THR A 144 -7.16 7.44 20.44
CA THR A 144 -7.34 8.20 19.20
C THR A 144 -5.97 8.53 18.61
N ASN A 145 -5.05 8.95 19.45
CA ASN A 145 -3.70 9.20 18.95
C ASN A 145 -3.04 7.93 18.41
N TYR A 146 -3.12 6.82 19.16
CA TYR A 146 -2.54 5.57 18.68
C TYR A 146 -3.16 5.12 17.37
N VAL A 147 -4.49 5.17 17.28
CA VAL A 147 -5.13 4.60 16.10
C VAL A 147 -4.93 5.49 14.87
N LYS A 148 -4.84 6.80 15.06
CA LYS A 148 -4.59 7.66 13.91
C LYS A 148 -3.15 7.53 13.41
N PHE A 149 -2.20 7.34 14.33
CA PHE A 149 -0.82 7.08 13.94
C PHE A 149 -0.80 5.79 13.11
N ALA A 150 -1.44 4.74 13.61
CA ALA A 150 -1.50 3.46 12.90
C ALA A 150 -2.17 3.63 11.54
N ALA A 151 -3.21 4.46 11.48
CA ALA A 151 -3.91 4.66 10.21
C ALA A 151 -2.99 5.30 9.16
N ARG A 152 -2.11 6.21 9.58
CA ARG A 152 -1.21 6.82 8.62
C ARG A 152 -0.19 5.80 8.12
N MET A 153 0.33 4.98 9.04
CA MET A 153 1.23 3.89 8.65
C MET A 153 0.53 2.98 7.61
N ALA A 154 -0.78 2.81 7.77
CA ALA A 154 -1.55 1.90 6.92
C ALA A 154 -2.01 2.50 5.60
N GLY A 155 -1.56 3.70 5.28
CA GLY A 155 -1.76 4.25 3.94
C GLY A 155 -2.83 5.32 3.82
N ALA A 156 -3.42 5.72 4.93
CA ALA A 156 -4.41 6.81 4.87
C ALA A 156 -3.70 8.15 4.71
N ASP A 157 -4.22 8.98 3.81
CA ASP A 157 -3.74 10.35 3.66
C ASP A 157 -4.53 11.29 4.57
N LEU A 158 -5.81 10.97 4.77
CA LEU A 158 -6.66 11.64 5.74
C LEU A 158 -7.26 10.60 6.70
N VAL A 159 -7.50 10.98 7.95
CA VAL A 159 -8.22 10.09 8.83
C VAL A 159 -9.09 10.90 9.77
N GLY A 160 -10.28 10.40 10.05
CA GLY A 160 -11.16 11.08 10.99
C GLY A 160 -11.98 10.06 11.75
N VAL A 161 -12.55 10.48 12.88
CA VAL A 161 -13.37 9.60 13.71
C VAL A 161 -14.76 10.20 13.88
N ALA A 162 -15.80 9.39 13.78
CA ALA A 162 -17.14 9.87 14.12
C ALA A 162 -17.89 8.82 14.93
N ARG A 163 -18.87 9.25 15.71
CA ARG A 163 -19.83 8.27 16.24
C ARG A 163 -20.51 7.63 15.05
N LEU A 164 -20.83 6.36 15.17
CA LEU A 164 -21.51 5.63 14.10
C LEU A 164 -22.97 6.06 13.99
N ASN A 165 -23.33 6.67 12.86
CA ASN A 165 -24.72 6.98 12.58
C ASN A 165 -25.32 5.82 11.77
N ARG A 166 -26.21 5.06 12.40
CA ARG A 166 -26.77 3.86 11.76
C ARG A 166 -27.65 4.18 10.55
N ASN A 167 -28.08 5.43 10.38
CA ASN A 167 -28.81 5.82 9.17
C ASN A 167 -28.03 5.51 7.89
N TRP A 168 -26.70 5.52 7.96
CA TRP A 168 -25.88 5.33 6.75
C TRP A 168 -25.40 3.90 6.59
N VAL A 169 -25.71 3.04 7.56
CA VAL A 169 -25.39 1.62 7.43
C VAL A 169 -26.46 0.95 6.56
N TYR A 170 -26.05 0.17 5.55
CA TYR A 170 -27.05 -0.46 4.68
C TYR A 170 -28.02 -1.32 5.50
N SER A 171 -29.30 -1.28 5.13
CA SER A 171 -30.29 -2.10 5.80
C SER A 171 -30.05 -3.60 5.52
N GLU A 172 -29.67 -3.90 4.28
CA GLU A 172 -29.28 -5.24 3.88
C GLU A 172 -28.05 -5.11 3.00
N ALA A 173 -27.08 -6.00 3.19
CA ALA A 173 -25.86 -5.99 2.38
C ALA A 173 -26.02 -6.88 1.17
N VAL A 174 -25.25 -6.60 0.13
CA VAL A 174 -25.09 -7.55 -0.96
C VAL A 174 -23.94 -8.46 -0.57
N THR A 175 -24.17 -9.77 -0.65
CA THR A 175 -23.09 -10.70 -0.29
C THR A 175 -23.26 -12.01 -1.04
N ILE A 176 -22.44 -13.00 -0.70
CA ILE A 176 -22.64 -14.34 -1.22
C ILE A 176 -22.71 -15.35 -0.05
N PRO A 177 -23.34 -16.50 -0.28
CA PRO A 177 -23.34 -17.52 0.79
C PRO A 177 -21.92 -17.96 1.10
N ALA A 178 -21.70 -18.40 2.34
CA ALA A 178 -20.37 -18.77 2.81
C ALA A 178 -19.77 -19.96 2.07
N ASP A 179 -20.60 -20.79 1.46
CA ASP A 179 -20.08 -21.97 0.76
C ASP A 179 -19.86 -21.75 -0.74
N VAL A 180 -19.98 -20.51 -1.20
CA VAL A 180 -19.82 -20.25 -2.62
C VAL A 180 -18.39 -19.79 -2.94
N PRO A 181 -17.71 -20.53 -3.84
CA PRO A 181 -16.34 -20.25 -4.27
C PRO A 181 -16.27 -18.98 -5.11
N TYR A 182 -15.10 -18.38 -5.20
CA TYR A 182 -14.98 -17.11 -5.92
C TYR A 182 -15.50 -17.17 -7.35
N GLU A 183 -15.20 -18.25 -8.07
CA GLU A 183 -15.52 -18.30 -9.49
C GLU A 183 -17.03 -18.29 -9.77
N GLN A 184 -17.84 -18.61 -8.76
CA GLN A 184 -19.29 -18.53 -8.94
C GLN A 184 -19.91 -17.29 -8.27
N SER A 185 -19.08 -16.48 -7.62
CA SER A 185 -19.58 -15.39 -6.78
C SER A 185 -20.52 -14.42 -7.50
N LEU A 186 -20.15 -13.99 -8.71
CA LEU A 186 -20.94 -12.98 -9.39
C LEU A 186 -22.32 -13.50 -9.80
N HIS A 187 -22.48 -14.82 -9.78
CA HIS A 187 -23.70 -15.49 -10.20
C HIS A 187 -24.62 -15.77 -9.01
N LYS A 188 -24.06 -15.71 -7.81
CA LYS A 188 -24.76 -16.20 -6.62
C LYS A 188 -24.94 -15.15 -5.53
N GLU A 189 -24.89 -13.88 -5.91
CA GLU A 189 -25.06 -12.81 -4.92
C GLU A 189 -26.47 -12.83 -4.32
N ILE A 190 -26.54 -12.53 -3.03
CA ILE A 190 -27.81 -12.49 -2.29
C ILE A 190 -27.85 -11.22 -1.46
N GLU A 191 -28.97 -10.98 -0.78
CA GLU A 191 -29.06 -9.93 0.22
C GLU A 191 -29.08 -10.55 1.60
N LYS A 192 -28.50 -9.84 2.57
CA LYS A 192 -28.50 -10.30 3.95
C LYS A 192 -28.62 -9.11 4.89
N PRO A 193 -29.60 -9.15 5.81
CA PRO A 193 -29.77 -8.02 6.72
C PRO A 193 -28.55 -7.75 7.60
N ILE A 194 -28.27 -6.47 7.82
CA ILE A 194 -27.31 -6.01 8.81
C ILE A 194 -28.10 -5.55 10.02
N VAL A 195 -27.91 -6.22 11.15
CA VAL A 195 -28.70 -5.87 12.34
C VAL A 195 -27.79 -5.56 13.52
N PHE A 196 -28.33 -4.81 14.47
CA PHE A 196 -27.60 -4.41 15.67
C PHE A 196 -28.21 -5.13 16.86
N LYS A 197 -27.40 -5.89 17.58
CA LYS A 197 -27.89 -6.69 18.71
C LYS A 197 -26.95 -6.65 19.91
N ASP A 198 -27.48 -7.01 21.07
CA ASP A 198 -26.68 -7.09 22.30
C ASP A 198 -25.85 -8.38 22.30
N VAL A 199 -24.75 -8.36 21.56
CA VAL A 199 -23.82 -9.49 21.49
C VAL A 199 -22.41 -8.96 21.73
N PRO A 200 -21.47 -9.82 22.16
CA PRO A 200 -20.15 -9.29 22.50
C PRO A 200 -19.28 -8.94 21.29
N LEU A 201 -19.43 -9.67 20.19
CA LEU A 201 -18.55 -9.54 19.03
C LEU A 201 -19.34 -9.52 17.73
N PRO A 202 -18.80 -8.85 16.70
CA PRO A 202 -19.41 -8.95 15.36
C PRO A 202 -19.50 -10.41 14.93
N ILE A 203 -20.67 -10.84 14.46
CA ILE A 203 -20.86 -12.25 14.14
C ILE A 203 -21.82 -12.37 12.95
N GLU A 204 -21.62 -13.42 12.15
CA GLU A 204 -22.53 -13.67 11.05
C GLU A 204 -23.23 -15.01 11.27
N THR A 205 -24.55 -15.01 11.10
CA THR A 205 -25.33 -16.24 11.18
C THR A 205 -25.83 -16.58 9.78
N ASP A 206 -26.57 -17.68 9.65
CA ASP A 206 -27.15 -18.02 8.37
C ASP A 206 -28.05 -16.90 7.85
N ASP A 207 -28.70 -16.20 8.77
CA ASP A 207 -29.76 -15.25 8.43
C ASP A 207 -29.33 -13.79 8.48
N GLU A 208 -28.38 -13.46 9.36
CA GLU A 208 -28.04 -12.05 9.59
C GLU A 208 -26.56 -11.78 9.75
N LEU A 209 -26.17 -10.56 9.37
CA LEU A 209 -24.91 -9.97 9.74
C LEU A 209 -25.15 -9.12 10.97
N ILE A 210 -24.52 -9.49 12.09
CA ILE A 210 -24.85 -8.87 13.37
C ILE A 210 -23.71 -8.01 13.89
N ILE A 211 -23.98 -6.71 14.01
CA ILE A 211 -23.05 -5.74 14.58
C ILE A 211 -23.45 -5.51 16.02
N PRO A 212 -22.50 -5.57 16.96
CA PRO A 212 -22.88 -5.37 18.36
C PRO A 212 -23.38 -3.94 18.63
N ASN A 213 -24.30 -3.80 19.56
CA ASN A 213 -24.75 -2.51 20.03
C ASN A 213 -23.62 -1.64 20.58
N THR A 214 -22.55 -2.27 21.04
CA THR A 214 -21.37 -1.56 21.53
C THR A 214 -20.50 -0.97 20.43
N CYS A 215 -20.88 -1.18 19.18
CA CYS A 215 -20.07 -0.65 18.07
C CYS A 215 -20.31 0.86 17.93
N GLU A 216 -19.52 1.64 18.65
CA GLU A 216 -19.83 3.05 18.88
C GLU A 216 -19.33 3.97 17.76
N ASN A 217 -18.19 3.62 17.19
CA ASN A 217 -17.45 4.55 16.35
C ASN A 217 -17.13 4.03 14.96
N VAL A 218 -16.89 4.98 14.06
CA VAL A 218 -16.41 4.67 12.73
C VAL A 218 -15.15 5.51 12.48
N ILE A 219 -14.13 4.87 11.94
CA ILE A 219 -12.89 5.53 11.57
C ILE A 219 -12.92 5.62 10.05
N VAL A 220 -12.78 6.82 9.51
CA VAL A 220 -12.85 7.05 8.07
C VAL A 220 -11.49 7.45 7.55
N ALA A 221 -11.07 6.82 6.46
CA ALA A 221 -9.79 7.12 5.83
C ALA A 221 -9.96 7.70 4.46
N GLY A 222 -9.14 8.69 4.14
CA GLY A 222 -9.04 9.18 2.78
C GLY A 222 -7.75 8.67 2.15
N ILE A 223 -7.89 8.12 0.95
N ILE A 223 -7.91 8.10 0.95
CA ILE A 223 -6.74 7.58 0.23
CA ILE A 223 -6.83 7.51 0.15
C ILE A 223 -6.62 8.30 -1.10
C ILE A 223 -6.66 8.33 -1.12
N ALA A 224 -5.61 9.17 -1.19
CA ALA A 224 -5.49 10.14 -2.28
C ALA A 224 -5.20 9.53 -3.64
N MET A 225 -5.94 9.96 -4.66
CA MET A 225 -5.66 9.53 -6.03
C MET A 225 -4.65 10.47 -6.66
N ASN A 226 -4.14 10.09 -7.81
CA ASN A 226 -3.14 10.90 -8.50
C ASN A 226 -3.78 11.95 -9.42
N ARG A 227 -3.40 13.21 -9.27
CA ARG A 227 -4.04 14.29 -10.01
C ARG A 227 -3.80 14.19 -11.53
N GLU A 228 -2.57 13.95 -11.93
CA GLU A 228 -2.23 13.91 -13.36
C GLU A 228 -3.01 12.81 -14.06
N MET A 229 -3.10 11.67 -13.40
CA MET A 229 -3.84 10.56 -13.98
C MET A 229 -5.36 10.79 -13.99
N MET A 230 -5.92 11.33 -12.91
CA MET A 230 -7.37 11.56 -12.88
C MET A 230 -7.77 12.61 -13.92
N GLN A 231 -6.87 13.53 -14.22
CA GLN A 231 -7.16 14.58 -15.18
C GLN A 231 -7.32 14.04 -16.60
N THR A 232 -6.96 12.78 -16.81
CA THR A 232 -7.19 12.15 -18.12
C THR A 232 -8.58 11.52 -18.24
N ALA A 233 -9.41 11.67 -17.21
CA ALA A 233 -10.78 11.14 -17.29
C ALA A 233 -11.46 11.67 -18.55
N PRO A 234 -12.23 10.82 -19.25
CA PRO A 234 -12.64 9.46 -18.89
C PRO A 234 -11.74 8.35 -19.43
N ASN A 235 -10.48 8.68 -19.70
CA ASN A 235 -9.59 7.73 -20.37
C ASN A 235 -8.88 6.80 -19.41
N SER A 236 -8.06 5.90 -19.94
CA SER A 236 -7.60 4.74 -19.17
C SER A 236 -6.76 5.08 -17.94
N MET A 237 -5.98 6.15 -17.97
CA MET A 237 -5.10 6.41 -16.83
C MET A 237 -5.89 6.86 -15.60
N ALA A 238 -7.04 7.49 -15.79
CA ALA A 238 -7.94 7.80 -14.66
C ALA A 238 -8.47 6.50 -14.05
N CYS A 239 -8.74 5.51 -14.89
CA CYS A 239 -9.14 4.20 -14.41
C CYS A 239 -8.03 3.55 -13.58
N ALA A 240 -6.78 3.79 -13.95
CA ALA A 240 -5.66 3.15 -13.24
C ALA A 240 -5.47 3.74 -11.84
N THR A 241 -5.57 5.06 -11.68
CA THR A 241 -5.37 5.59 -10.34
C THR A 241 -6.56 5.16 -9.45
N THR A 242 -7.75 5.09 -10.01
CA THR A 242 -8.90 4.54 -9.28
C THR A 242 -8.60 3.12 -8.79
N ALA A 243 -8.17 2.25 -9.70
CA ALA A 243 -7.93 0.84 -9.37
C ALA A 243 -6.90 0.65 -8.26
N PHE A 244 -5.75 1.30 -8.41
CA PHE A 244 -4.70 1.16 -7.40
C PHE A 244 -5.17 1.60 -6.04
N CYS A 245 -6.00 2.64 -5.99
CA CYS A 245 -6.46 3.13 -4.70
C CYS A 245 -7.44 2.16 -4.03
N TYR A 246 -8.14 1.35 -4.82
CA TYR A 246 -9.00 0.33 -4.21
C TYR A 246 -8.17 -0.74 -3.51
N SER A 247 -7.03 -1.08 -4.10
CA SER A 247 -6.18 -2.07 -3.44
C SER A 247 -5.54 -1.44 -2.19
N ARG A 248 -5.21 -0.16 -2.26
CA ARG A 248 -4.72 0.57 -1.07
C ARG A 248 -5.78 0.59 0.03
N MET A 249 -7.05 0.80 -0.35
CA MET A 249 -8.15 0.76 0.62
C MET A 249 -8.19 -0.56 1.35
N CYS A 250 -8.05 -1.63 0.57
CA CYS A 250 -8.16 -2.97 1.14
C CYS A 250 -7.04 -3.21 2.16
N MET A 251 -5.82 -2.82 1.81
N MET A 251 -5.82 -2.84 1.80
CA MET A 251 -4.70 -3.03 2.73
CA MET A 251 -4.68 -2.97 2.69
C MET A 251 -4.83 -2.15 3.97
C MET A 251 -4.88 -2.17 3.96
N PHE A 252 -5.38 -0.95 3.79
CA PHE A 252 -5.67 -0.09 4.94
C PHE A 252 -6.62 -0.78 5.91
N ASP A 253 -7.77 -1.24 5.41
CA ASP A 253 -8.76 -1.89 6.27
C ASP A 253 -8.16 -3.06 7.04
N MET A 254 -7.41 -3.91 6.34
CA MET A 254 -6.86 -5.09 6.99
C MET A 254 -5.81 -4.73 8.03
N TRP A 255 -4.86 -3.88 7.66
CA TRP A 255 -3.88 -3.36 8.61
C TRP A 255 -4.54 -2.76 9.87
N LEU A 256 -5.48 -1.85 9.66
CA LEU A 256 -6.05 -1.12 10.79
C LEU A 256 -6.90 -2.04 11.65
N CYS A 257 -7.65 -2.95 11.03
CA CYS A 257 -8.48 -3.88 11.80
C CYS A 257 -7.58 -4.75 12.68
N GLN A 258 -6.45 -5.19 12.12
CA GLN A 258 -5.53 -6.03 12.89
C GLN A 258 -4.93 -5.25 14.07
N PHE A 259 -4.52 -4.00 13.86
CA PHE A 259 -4.05 -3.17 14.97
C PHE A 259 -5.09 -3.03 16.07
N ILE A 260 -6.33 -2.72 15.69
CA ILE A 260 -7.40 -2.52 16.67
C ILE A 260 -7.64 -3.81 17.45
N ARG A 261 -7.68 -4.94 16.73
CA ARG A 261 -7.86 -6.24 17.39
C ARG A 261 -6.72 -6.54 18.35
N TYR A 262 -5.51 -6.21 17.94
CA TYR A 262 -4.34 -6.50 18.78
C TYR A 262 -4.24 -5.53 19.96
N MET A 263 -5.03 -4.47 19.91
CA MET A 263 -5.20 -3.54 21.03
C MET A 263 -6.29 -4.00 22.01
N GLY A 264 -7.01 -5.07 21.64
CA GLY A 264 -7.96 -5.69 22.55
C GLY A 264 -9.41 -5.33 22.27
N TYR A 265 -9.66 -4.78 21.09
CA TYR A 265 -11.00 -4.37 20.68
C TYR A 265 -11.41 -5.17 19.43
N TYR A 266 -12.63 -4.97 18.94
CA TYR A 266 -12.98 -5.59 17.65
C TYR A 266 -13.05 -4.54 16.56
N ALA A 267 -13.08 -4.99 15.31
CA ALA A 267 -13.02 -4.06 14.19
C ALA A 267 -13.64 -4.71 12.97
N ILE A 268 -14.49 -3.94 12.29
CA ILE A 268 -15.18 -4.40 11.09
C ILE A 268 -14.69 -3.62 9.88
N PRO A 269 -14.07 -4.30 8.91
CA PRO A 269 -13.63 -3.61 7.69
C PRO A 269 -14.81 -3.38 6.75
N SER A 270 -14.65 -2.58 5.70
CA SER A 270 -15.78 -2.42 4.80
C SER A 270 -15.46 -2.08 3.34
N CYS A 271 -14.39 -1.32 3.09
CA CYS A 271 -14.15 -0.78 1.74
C CYS A 271 -15.46 -0.18 1.17
N ASN A 272 -15.97 -0.67 0.03
CA ASN A 272 -17.21 -0.10 -0.51
C ASN A 272 -18.50 -0.72 0.06
N GLY A 273 -18.35 -1.65 1.00
CA GLY A 273 -19.52 -2.29 1.60
C GLY A 273 -20.02 -1.63 2.88
N VAL A 274 -20.99 -2.30 3.52
CA VAL A 274 -21.52 -2.05 4.87
C VAL A 274 -22.31 -0.74 5.00
N GLY A 275 -21.80 0.36 4.48
CA GLY A 275 -22.53 1.61 4.57
C GLY A 275 -21.98 2.69 3.63
N GLN A 276 -22.60 3.87 3.69
CA GLN A 276 -22.33 4.94 2.74
C GLN A 276 -21.15 5.82 3.18
N SER A 277 -20.03 5.64 2.51
CA SER A 277 -18.77 6.27 2.89
C SER A 277 -18.80 7.79 2.90
N VAL A 278 -19.52 8.39 1.97
CA VAL A 278 -19.56 9.85 1.89
C VAL A 278 -20.21 10.45 3.15
N ALA A 279 -21.30 9.84 3.61
CA ALA A 279 -21.94 10.34 4.82
C ALA A 279 -21.02 10.18 6.04
N PHE A 280 -20.34 9.05 6.16
CA PHE A 280 -19.41 8.86 7.28
C PHE A 280 -18.27 9.86 7.23
N ALA A 281 -17.74 10.08 6.03
CA ALA A 281 -16.64 11.03 5.86
C ALA A 281 -17.06 12.44 6.24
N VAL A 282 -18.29 12.84 5.90
CA VAL A 282 -18.78 14.16 6.27
C VAL A 282 -18.90 14.29 7.79
N GLU A 283 -19.43 13.26 8.43
CA GLU A 283 -19.62 13.31 9.87
C GLU A 283 -18.30 13.20 10.63
N ALA A 284 -17.30 12.60 9.99
CA ALA A 284 -15.98 12.47 10.61
C ALA A 284 -15.09 13.68 10.31
N GLY A 285 -15.59 14.62 9.52
CA GLY A 285 -14.86 15.85 9.25
C GLY A 285 -13.79 15.83 8.15
N LEU A 286 -13.79 14.81 7.31
CA LEU A 286 -12.82 14.78 6.21
C LEU A 286 -13.11 15.90 5.21
N GLY A 287 -14.39 16.22 5.03
CA GLY A 287 -14.79 17.21 4.04
C GLY A 287 -16.27 17.46 4.04
N GLN A 288 -16.77 18.04 2.94
CA GLN A 288 -18.18 18.37 2.80
C GLN A 288 -18.79 17.67 1.59
N ALA A 289 -20.08 17.39 1.66
CA ALA A 289 -20.81 16.89 0.50
C ALA A 289 -20.89 17.97 -0.58
N SER A 290 -21.03 17.54 -1.82
CA SER A 290 -20.90 18.41 -2.99
C SER A 290 -21.99 18.13 -3.99
N ARG A 291 -22.11 18.99 -5.01
CA ARG A 291 -23.12 18.79 -6.04
C ARG A 291 -22.95 17.43 -6.71
N MET A 292 -21.71 17.03 -7.01
CA MET A 292 -21.48 15.76 -7.70
C MET A 292 -21.85 14.58 -6.79
N GLY A 293 -21.84 14.82 -5.48
CA GLY A 293 -22.29 13.83 -4.52
C GLY A 293 -21.13 13.24 -3.72
N ALA A 294 -19.91 13.62 -4.07
CA ALA A 294 -18.72 13.14 -3.38
C ALA A 294 -18.40 14.04 -2.18
N CYS A 295 -17.60 13.51 -1.27
CA CYS A 295 -17.00 14.30 -0.20
C CYS A 295 -15.83 15.11 -0.76
N ILE A 296 -15.91 16.43 -0.67
CA ILE A 296 -14.82 17.29 -1.11
C ILE A 296 -13.97 17.67 0.08
N THR A 297 -12.67 17.39 -0.03
CA THR A 297 -11.74 17.67 1.05
C THR A 297 -10.92 18.90 0.74
N PRO A 298 -10.44 19.60 1.78
CA PRO A 298 -9.60 20.77 1.52
C PRO A 298 -8.30 20.43 0.80
N GLU A 299 -7.75 19.25 1.07
CA GLU A 299 -6.44 18.87 0.54
C GLU A 299 -6.49 18.36 -0.90
N PHE A 300 -7.51 17.58 -1.22
CA PHE A 300 -7.56 16.87 -2.50
C PHE A 300 -8.82 17.15 -3.31
N GLY A 301 -9.72 17.97 -2.78
CA GLY A 301 -11.06 18.08 -3.35
C GLY A 301 -11.72 16.72 -3.32
N PRO A 302 -12.48 16.37 -4.37
CA PRO A 302 -13.11 15.05 -4.41
C PRO A 302 -12.17 13.95 -4.90
N ASN A 303 -10.93 14.30 -5.23
CA ASN A 303 -10.04 13.35 -5.87
C ASN A 303 -9.35 12.47 -4.83
N VAL A 304 -10.15 11.76 -4.06
CA VAL A 304 -9.65 10.98 -2.93
C VAL A 304 -10.67 9.84 -2.73
N ARG A 305 -10.19 8.62 -2.49
CA ARG A 305 -11.10 7.51 -2.19
C ARG A 305 -11.31 7.39 -0.69
N LEU A 306 -12.41 6.74 -0.33
CA LEU A 306 -12.78 6.60 1.09
C LEU A 306 -12.90 5.14 1.47
N THR A 307 -12.49 4.80 2.69
CA THR A 307 -12.87 3.52 3.26
C THR A 307 -13.11 3.76 4.73
N LYS A 308 -13.63 2.77 5.44
CA LYS A 308 -13.96 2.97 6.85
C LYS A 308 -13.93 1.66 7.61
N VAL A 309 -13.70 1.79 8.91
CA VAL A 309 -13.64 0.66 9.84
C VAL A 309 -14.53 0.98 11.02
N PHE A 310 -15.34 0.01 11.46
CA PHE A 310 -16.23 0.22 12.60
C PHE A 310 -15.65 -0.47 13.83
N THR A 311 -15.77 0.17 15.00
CA THR A 311 -15.13 -0.40 16.19
C THR A 311 -15.78 0.02 17.50
N ASN A 312 -15.60 -0.80 18.55
CA ASN A 312 -16.00 -0.41 19.91
C ASN A 312 -14.86 0.29 20.68
N MET A 313 -13.70 0.41 20.05
CA MET A 313 -12.59 1.15 20.67
C MET A 313 -13.04 2.54 21.07
N PRO A 314 -12.90 2.90 22.36
CA PRO A 314 -13.21 4.28 22.76
C PRO A 314 -12.35 5.27 21.98
N LEU A 315 -12.99 6.30 21.41
CA LEU A 315 -12.30 7.30 20.61
C LEU A 315 -12.90 8.69 20.81
N VAL A 316 -12.17 9.72 20.41
CA VAL A 316 -12.70 11.08 20.45
C VAL A 316 -13.18 11.46 19.07
N PRO A 317 -14.49 11.74 18.92
CA PRO A 317 -14.93 12.13 17.57
C PRO A 317 -14.32 13.44 17.13
N ASP A 318 -14.05 13.55 15.83
CA ASP A 318 -13.57 14.80 15.26
C ASP A 318 -14.75 15.73 15.01
N LYS A 319 -14.44 17.02 14.80
CA LYS A 319 -15.46 18.01 14.46
C LYS A 319 -15.70 18.05 12.96
N PRO A 320 -16.97 18.22 12.55
CA PRO A 320 -17.14 18.37 11.10
C PRO A 320 -16.51 19.68 10.63
N ILE A 321 -16.38 19.83 9.32
CA ILE A 321 -15.74 21.02 8.76
C ILE A 321 -16.69 21.70 7.78
N ASP A 322 -16.72 23.02 7.79
CA ASP A 322 -17.45 23.79 6.79
C ASP A 322 -16.52 24.84 6.20
N PHE A 323 -15.99 24.55 5.02
CA PHE A 323 -15.09 25.52 4.37
C PHE A 323 -15.75 26.10 3.12
N GLY A 324 -17.07 26.06 3.11
CA GLY A 324 -17.84 26.76 2.09
C GLY A 324 -18.17 26.00 0.83
N VAL A 325 -18.06 24.67 0.86
CA VAL A 325 -18.28 23.90 -0.36
C VAL A 325 -19.72 24.09 -0.88
N THR A 326 -20.70 24.00 0.01
CA THR A 326 -22.10 24.10 -0.37
C THR A 326 -22.35 25.38 -1.15
N GLU A 327 -21.79 26.47 -0.66
CA GLU A 327 -22.00 27.76 -1.29
C GLU A 327 -21.33 27.83 -2.67
N PHE A 328 -20.18 27.17 -2.82
CA PHE A 328 -19.53 27.15 -4.13
C PHE A 328 -20.27 26.25 -5.12
N CYS A 329 -20.71 25.09 -4.68
CA CYS A 329 -21.47 24.19 -5.55
C CYS A 329 -22.78 24.83 -6.02
N GLU A 330 -23.33 25.71 -5.19
N GLU A 330 -23.34 25.69 -5.18
CA GLU A 330 -24.55 26.42 -5.55
CA GLU A 330 -24.55 26.43 -5.55
C GLU A 330 -24.36 27.26 -6.81
C GLU A 330 -24.35 27.22 -6.85
N THR A 331 -23.16 27.81 -6.99
CA THR A 331 -22.91 28.74 -8.09
C THR A 331 -22.00 28.19 -9.20
N CYS A 332 -21.35 27.08 -8.94
CA CYS A 332 -20.35 26.57 -9.88
C CYS A 332 -20.97 25.73 -11.02
N LYS A 333 -21.46 24.55 -10.66
CA LYS A 333 -22.10 23.61 -11.59
C LYS A 333 -21.22 23.09 -12.74
N LYS A 334 -19.90 23.17 -12.61
N LYS A 334 -19.89 23.18 -12.61
CA LYS A 334 -19.03 22.74 -13.71
CA LYS A 334 -18.99 22.74 -13.67
C LYS A 334 -19.17 21.24 -13.97
C LYS A 334 -19.15 21.25 -13.96
N CYS A 335 -19.26 20.45 -12.90
CA CYS A 335 -19.41 19.00 -13.04
C CYS A 335 -20.69 18.65 -13.79
N ALA A 336 -21.77 19.34 -13.45
CA ALA A 336 -23.05 19.14 -14.11
C ALA A 336 -22.96 19.45 -15.61
N ARG A 337 -22.21 20.48 -15.96
CA ARG A 337 -22.11 20.90 -17.36
C ARG A 337 -21.23 19.96 -18.17
N GLU A 338 -20.19 19.42 -17.55
CA GLU A 338 -19.22 18.58 -18.24
C GLU A 338 -19.57 17.10 -18.24
N CYS A 339 -20.44 16.69 -17.31
CA CYS A 339 -20.84 15.29 -17.19
C CYS A 339 -21.35 14.74 -18.53
N PRO A 340 -20.72 13.68 -19.06
CA PRO A 340 -21.08 13.16 -20.39
C PRO A 340 -22.46 12.49 -20.44
N SER A 341 -23.04 12.19 -19.29
CA SER A 341 -24.34 11.51 -19.25
C SER A 341 -25.46 12.40 -18.70
N LYS A 342 -25.14 13.65 -18.39
CA LYS A 342 -26.08 14.57 -17.74
C LYS A 342 -26.70 13.96 -16.47
N ALA A 343 -25.91 13.19 -15.73
CA ALA A 343 -26.39 12.55 -14.52
C ALA A 343 -26.53 13.51 -13.34
N ILE A 344 -25.71 14.56 -13.35
CA ILE A 344 -25.63 15.48 -12.22
C ILE A 344 -26.59 16.65 -12.38
N THR A 345 -27.39 16.89 -11.34
CA THR A 345 -28.41 17.93 -11.41
C THR A 345 -27.82 19.33 -11.38
N GLU A 346 -28.47 20.26 -12.08
CA GLU A 346 -28.12 21.67 -11.98
C GLU A 346 -29.08 22.40 -11.03
N GLY A 347 -30.06 21.67 -10.51
CA GLY A 347 -31.06 22.24 -9.63
C GLY A 347 -30.68 22.28 -8.16
N PRO A 348 -31.62 22.69 -7.30
CA PRO A 348 -31.34 22.83 -5.86
C PRO A 348 -31.34 21.48 -5.15
N ARG A 349 -30.83 21.47 -3.92
CA ARG A 349 -30.90 20.29 -3.07
C ARG A 349 -32.34 20.01 -2.62
N THR A 350 -32.69 18.74 -2.50
CA THR A 350 -34.01 18.33 -1.97
C THR A 350 -33.87 17.10 -1.07
N PHE A 351 -34.96 16.73 -0.39
CA PHE A 351 -34.99 15.51 0.42
C PHE A 351 -35.57 14.33 -0.37
N GLU A 352 -35.91 14.56 -1.64
CA GLU A 352 -36.59 13.54 -2.45
C GLU A 352 -35.67 12.88 -3.45
N GLY A 353 -35.52 11.57 -3.31
CA GLY A 353 -34.69 10.79 -4.21
C GLY A 353 -35.13 10.93 -5.65
N ARG A 354 -34.15 11.05 -6.54
CA ARG A 354 -34.42 11.11 -7.96
C ARG A 354 -34.92 9.77 -8.50
N SER A 355 -34.33 8.69 -8.01
CA SER A 355 -34.75 7.35 -8.40
C SER A 355 -34.46 6.39 -7.26
N ILE A 356 -34.63 5.11 -7.54
CA ILE A 356 -34.41 4.05 -6.54
C ILE A 356 -32.96 4.08 -6.01
N HIS A 357 -32.02 4.57 -6.83
CA HIS A 357 -30.61 4.55 -6.43
C HIS A 357 -30.28 5.57 -5.33
N ASN A 358 -31.14 6.56 -5.12
CA ASN A 358 -30.93 7.55 -4.07
C ASN A 358 -31.67 7.22 -2.79
N GLN A 359 -31.03 7.51 -1.66
CA GLN A 359 -31.70 7.42 -0.37
C GLN A 359 -32.44 8.72 -0.05
N SER A 360 -33.78 8.69 -0.05
CA SER A 360 -34.59 9.86 0.27
C SER A 360 -34.51 10.20 1.74
N GLY A 361 -34.84 11.45 2.09
CA GLY A 361 -34.90 11.85 3.48
C GLY A 361 -33.68 12.52 4.03
N LYS A 362 -32.73 12.85 3.16
CA LYS A 362 -31.57 13.63 3.56
C LYS A 362 -31.30 14.70 2.51
N LEU A 363 -30.94 15.90 2.95
CA LEU A 363 -30.80 17.02 2.03
C LEU A 363 -29.48 16.93 1.25
N GLN A 364 -29.61 16.78 -0.06
CA GLN A 364 -28.44 16.58 -0.91
C GLN A 364 -28.82 16.94 -2.33
N TRP A 365 -27.82 17.12 -3.18
CA TRP A 365 -28.10 17.21 -4.61
C TRP A 365 -28.41 15.81 -5.14
N GLN A 366 -29.55 15.67 -5.80
CA GLN A 366 -30.05 14.37 -6.23
C GLN A 366 -29.65 14.05 -7.67
N ASN A 367 -28.73 13.11 -7.85
CA ASN A 367 -28.22 12.78 -9.17
C ASN A 367 -28.79 11.48 -9.70
N ASP A 368 -28.87 11.36 -11.02
CA ASP A 368 -29.38 10.15 -11.67
C ASP A 368 -28.23 9.20 -11.92
N TYR A 369 -28.05 8.22 -11.05
CA TYR A 369 -26.86 7.39 -11.12
C TYR A 369 -26.98 6.22 -12.12
N ASN A 370 -28.19 5.99 -12.63
CA ASN A 370 -28.32 5.05 -13.74
C ASN A 370 -27.73 5.67 -15.01
N LYS A 371 -27.93 6.97 -15.17
CA LYS A 371 -27.33 7.69 -16.28
C LYS A 371 -25.80 7.65 -16.21
N CYS A 372 -25.25 7.89 -15.02
CA CYS A 372 -23.80 7.78 -14.82
C CYS A 372 -23.27 6.41 -15.23
N LEU A 373 -23.82 5.35 -14.63
CA LEU A 373 -23.35 4.00 -14.93
C LEU A 373 -23.43 3.69 -16.42
N GLY A 374 -24.47 4.23 -17.08
CA GLY A 374 -24.66 4.02 -18.50
C GLY A 374 -23.51 4.50 -19.36
N TYR A 375 -22.77 5.50 -18.89
CA TYR A 375 -21.64 6.04 -19.63
C TYR A 375 -20.40 5.15 -19.50
N TRP A 376 -20.36 4.27 -18.50
CA TRP A 376 -19.13 3.52 -18.26
C TRP A 376 -18.85 2.50 -19.38
N PRO A 377 -19.88 1.71 -19.80
CA PRO A 377 -19.60 0.86 -20.97
C PRO A 377 -19.33 1.63 -22.26
N GLU A 378 -19.95 2.79 -22.41
N GLU A 378 -19.95 2.79 -22.41
CA GLU A 378 -19.73 3.60 -23.60
CA GLU A 378 -19.75 3.63 -23.58
C GLU A 378 -18.29 4.12 -23.67
C GLU A 378 -18.30 4.08 -23.66
N SER A 379 -17.70 4.38 -22.51
CA SER A 379 -16.36 4.96 -22.46
C SER A 379 -15.28 3.94 -22.10
N GLY A 380 -15.69 2.74 -21.71
CA GLY A 380 -14.76 1.68 -21.36
C GLY A 380 -13.98 1.90 -20.07
N GLY A 381 -14.55 2.67 -19.15
CA GLY A 381 -13.88 2.88 -17.88
C GLY A 381 -14.81 3.25 -16.74
N TYR A 382 -14.33 4.09 -15.82
CA TYR A 382 -15.12 4.50 -14.66
C TYR A 382 -15.30 6.01 -14.72
N CYS A 383 -15.15 6.58 -15.91
CA CYS A 383 -15.31 8.02 -16.15
C CYS A 383 -14.49 8.84 -15.14
N GLY A 384 -15.16 9.56 -14.25
CA GLY A 384 -14.47 10.44 -13.33
C GLY A 384 -14.30 11.87 -13.82
N VAL A 385 -14.98 12.21 -14.91
CA VAL A 385 -14.90 13.56 -15.46
C VAL A 385 -15.29 14.62 -14.42
N CYS A 386 -16.33 14.33 -13.63
CA CYS A 386 -16.77 15.25 -12.59
C CYS A 386 -15.64 15.54 -11.59
N VAL A 387 -14.95 14.49 -11.14
CA VAL A 387 -13.82 14.67 -10.23
C VAL A 387 -12.70 15.48 -10.90
N ALA A 388 -12.42 15.14 -12.16
CA ALA A 388 -11.36 15.79 -12.92
C ALA A 388 -11.57 17.29 -13.11
N VAL A 389 -12.81 17.71 -13.37
CA VAL A 389 -13.04 19.12 -13.68
C VAL A 389 -13.40 19.99 -12.46
N CYS A 390 -13.68 19.36 -11.31
CA CYS A 390 -14.00 20.13 -10.10
C CYS A 390 -12.81 21.02 -9.72
N PRO A 391 -13.06 22.32 -9.50
CA PRO A 391 -11.95 23.22 -9.16
C PRO A 391 -11.23 22.79 -7.89
N PHE A 392 -11.93 22.13 -6.97
CA PHE A 392 -11.30 21.72 -5.71
C PHE A 392 -10.27 20.60 -5.92
N THR A 393 -10.32 19.95 -7.07
CA THR A 393 -9.34 18.94 -7.44
C THR A 393 -7.98 19.55 -7.84
N LYS A 394 -7.99 20.82 -8.28
CA LYS A 394 -6.74 21.52 -8.56
C LYS A 394 -5.90 21.71 -7.29
N GLY A 395 -4.58 21.77 -7.44
CA GLY A 395 -3.73 21.91 -6.27
C GLY A 395 -3.70 23.31 -5.67
N ASN A 396 -4.23 24.28 -6.42
CA ASN A 396 -3.98 25.71 -6.19
C ASN A 396 -5.13 26.54 -5.62
N ILE A 397 -5.92 25.99 -4.72
CA ILE A 397 -7.15 26.66 -4.36
C ILE A 397 -6.98 27.67 -3.21
N TRP A 398 -6.08 27.37 -2.28
CA TRP A 398 -5.98 28.10 -1.02
C TRP A 398 -5.05 29.32 -1.07
N ILE A 399 -5.57 30.44 -0.59
CA ILE A 399 -4.75 31.64 -0.43
C ILE A 399 -5.02 32.27 0.94
N HIS A 400 -4.05 33.06 1.40
CA HIS A 400 -4.15 33.70 2.70
C HIS A 400 -4.20 35.21 2.47
N ASP A 401 -5.13 35.91 3.12
CA ASP A 401 -5.26 37.35 2.83
C ASP A 401 -4.55 38.22 3.87
N GLY A 402 -3.68 37.61 4.67
CA GLY A 402 -3.01 38.34 5.73
C GLY A 402 -3.69 38.16 7.08
N VAL A 403 -4.95 37.77 7.06
CA VAL A 403 -5.69 37.53 8.29
C VAL A 403 -6.09 36.07 8.39
N GLU A 404 -6.63 35.53 7.29
CA GLU A 404 -7.12 34.15 7.30
C GLU A 404 -7.06 33.49 5.92
N TRP A 405 -7.32 32.19 5.90
CA TRP A 405 -7.34 31.42 4.66
C TRP A 405 -8.66 31.61 3.93
N LEU A 406 -8.61 31.58 2.60
CA LEU A 406 -9.82 31.64 1.80
C LEU A 406 -9.62 30.92 0.47
N ILE A 407 -10.74 30.59 -0.19
N ILE A 407 -10.74 30.59 -0.16
CA ILE A 407 -10.70 29.95 -1.49
CA ILE A 407 -10.75 30.01 -1.50
C ILE A 407 -10.58 30.99 -2.61
C ILE A 407 -10.47 31.09 -2.54
N ASP A 408 -9.63 30.79 -3.50
CA ASP A 408 -9.39 31.67 -4.65
C ASP A 408 -10.53 31.57 -5.68
N ASN A 409 -11.39 32.57 -5.76
CA ASN A 409 -12.52 32.54 -6.71
C ASN A 409 -12.15 32.46 -8.18
N THR A 410 -10.92 32.83 -8.54
CA THR A 410 -10.51 32.78 -9.94
C THR A 410 -10.56 31.35 -10.48
N ARG A 411 -10.39 30.37 -9.60
CA ARG A 411 -10.44 28.96 -10.01
C ARG A 411 -11.83 28.51 -10.44
N PHE A 412 -12.86 29.29 -10.11
CA PHE A 412 -14.23 28.90 -10.43
C PHE A 412 -14.82 29.65 -11.63
N LEU A 413 -14.02 30.50 -12.27
CA LEU A 413 -14.48 31.21 -13.46
C LEU A 413 -14.67 30.24 -14.63
N ASP A 414 -15.82 30.32 -15.30
CA ASP A 414 -16.13 29.42 -16.43
C ASP A 414 -16.76 30.21 -17.56
N PRO A 415 -16.03 30.41 -18.67
CA PRO A 415 -14.70 29.84 -18.94
C PRO A 415 -13.59 30.48 -18.11
N LEU A 416 -12.49 29.76 -17.94
CA LEU A 416 -11.34 30.28 -17.20
C LEU A 416 -10.79 31.52 -17.89
N MET A 417 -10.49 32.55 -17.09
CA MET A 417 -10.10 33.85 -17.62
C MET A 417 -8.61 34.12 -17.41
N ASN A 431 -1.67 15.17 -22.43
CA ASN A 431 -2.21 13.91 -22.90
C ASN A 431 -1.63 12.71 -22.15
N ILE A 432 -2.06 11.52 -22.53
CA ILE A 432 -1.69 10.32 -21.77
C ILE A 432 -0.22 9.93 -22.00
N THR A 433 0.31 10.16 -23.20
CA THR A 433 1.74 9.95 -23.41
C THR A 433 2.52 10.81 -22.41
N GLU A 434 2.09 12.06 -22.24
CA GLU A 434 2.79 12.97 -21.35
C GLU A 434 2.70 12.55 -19.88
N VAL A 435 1.60 11.90 -19.51
CA VAL A 435 1.46 11.34 -18.16
C VAL A 435 2.45 10.18 -17.97
N TRP A 436 2.50 9.23 -18.91
CA TRP A 436 3.47 8.13 -18.82
C TRP A 436 4.92 8.62 -18.79
N ASP A 437 5.19 9.73 -19.49
CA ASP A 437 6.54 10.29 -19.54
C ASP A 437 6.81 11.34 -18.45
N GLY A 438 5.80 11.67 -17.65
CA GLY A 438 5.91 12.77 -16.72
C GLY A 438 6.16 12.40 -15.26
N LYS A 439 5.82 13.35 -14.39
CA LYS A 439 6.04 13.23 -12.95
C LYS A 439 5.29 12.08 -12.29
N ILE A 440 6.00 11.34 -11.46
CA ILE A 440 5.38 10.32 -10.64
C ILE A 440 6.22 10.15 -9.39
N ASN A 441 5.61 9.63 -8.34
CA ASN A 441 6.35 9.37 -7.11
C ASN A 441 5.63 8.21 -6.41
N THR A 442 6.11 7.82 -5.23
CA THR A 442 5.63 6.61 -4.59
C THR A 442 4.12 6.66 -4.36
N TYR A 443 3.44 5.59 -4.79
CA TYR A 443 1.97 5.45 -4.72
C TYR A 443 1.21 6.54 -5.47
N GLY A 444 1.90 7.24 -6.37
CA GLY A 444 1.27 8.32 -7.10
C GLY A 444 1.09 9.58 -6.27
N LEU A 445 1.66 9.60 -5.05
CA LEU A 445 1.59 10.79 -4.22
C LEU A 445 2.46 11.88 -4.83
N ASP A 446 2.16 13.15 -4.51
CA ASP A 446 2.87 14.29 -5.09
C ASP A 446 3.68 15.04 -4.02
N ALA A 447 5.01 15.01 -4.16
CA ALA A 447 5.87 15.65 -3.18
C ALA A 447 5.67 17.18 -3.07
N ASP A 448 5.06 17.79 -4.10
CA ASP A 448 4.78 19.22 -4.07
C ASP A 448 3.68 19.58 -3.06
N HIS A 449 2.89 18.59 -2.67
CA HIS A 449 1.75 18.83 -1.78
C HIS A 449 1.74 17.90 -0.56
N PHE A 450 2.65 16.92 -0.54
CA PHE A 450 2.65 15.88 0.50
C PHE A 450 2.81 16.46 1.91
N ARG A 451 3.45 17.62 2.04
CA ARG A 451 3.52 18.28 3.36
C ARG A 451 2.15 18.54 3.96
N ASP A 452 1.14 18.70 3.12
CA ASP A 452 -0.21 19.03 3.59
C ASP A 452 -0.80 17.96 4.51
N THR A 453 -0.30 16.73 4.43
CA THR A 453 -0.90 15.68 5.25
C THR A 453 0.04 15.21 6.37
N VAL A 454 1.06 16.02 6.66
CA VAL A 454 1.89 15.75 7.83
C VAL A 454 1.02 15.84 9.08
N SER A 455 1.38 15.08 10.10
CA SER A 455 0.57 14.97 11.30
C SER A 455 1.43 14.91 12.55
N PHE A 456 1.08 15.73 13.54
CA PHE A 456 1.66 15.67 14.87
C PHE A 456 0.55 15.39 15.85
N ARG A 457 0.87 15.09 17.10
CA ARG A 457 -0.17 14.75 18.06
C ARG A 457 -1.25 15.82 18.14
N LYS A 458 -0.85 17.08 18.14
CA LYS A 458 -1.81 18.17 18.30
C LYS A 458 -2.94 18.11 17.26
N ASP A 459 -2.65 17.64 16.05
CA ASP A 459 -3.71 17.58 15.06
C ASP A 459 -4.39 16.22 15.00
N ARG A 460 -3.88 15.23 15.74
CA ARG A 460 -4.57 13.94 15.84
C ARG A 460 -5.63 13.91 16.95
N VAL A 461 -5.33 14.57 18.06
CA VAL A 461 -6.27 14.58 19.17
C VAL A 461 -6.12 15.90 19.93
N LYS A 462 -7.22 16.45 20.43
CA LYS A 462 -7.20 17.78 21.03
C LYS A 462 -7.09 17.74 22.56
N LYS B 5 19.41 20.23 -2.95
CA LYS B 5 19.29 18.79 -2.93
C LYS B 5 18.66 18.26 -4.21
N ASN B 6 19.39 17.39 -4.92
CA ASN B 6 18.88 16.79 -6.15
C ASN B 6 19.36 15.36 -6.34
N ALA B 7 18.45 14.39 -6.14
CA ALA B 7 18.82 12.98 -6.16
C ALA B 7 19.13 12.47 -7.56
N ALA B 8 18.41 12.97 -8.56
CA ALA B 8 18.66 12.53 -9.94
C ALA B 8 20.05 12.97 -10.40
N GLU B 9 20.44 14.20 -10.04
CA GLU B 9 21.76 14.67 -10.40
C GLU B 9 22.84 13.88 -9.65
N ILE B 10 22.52 13.45 -8.44
CA ILE B 10 23.47 12.71 -7.61
C ILE B 10 23.71 11.33 -8.19
N ARG B 11 22.63 10.63 -8.54
CA ARG B 11 22.77 9.31 -9.13
C ARG B 11 23.48 9.34 -10.48
N GLN B 12 23.19 10.39 -11.25
CA GLN B 12 23.85 10.60 -12.53
C GLN B 12 25.35 10.77 -12.34
N GLN B 13 25.74 11.57 -11.35
CA GLN B 13 27.14 11.89 -11.13
C GLN B 13 27.97 10.66 -10.76
N PHE B 14 27.36 9.73 -10.04
CA PHE B 14 28.11 8.59 -9.51
C PHE B 14 27.88 7.31 -10.30
N ALA B 15 27.25 7.42 -11.47
CA ALA B 15 27.05 6.26 -12.33
C ALA B 15 28.37 5.62 -12.74
N MET B 16 28.43 4.30 -12.68
N MET B 16 28.43 4.30 -12.74
CA MET B 16 29.58 3.51 -13.15
CA MET B 16 29.63 3.62 -13.19
C MET B 16 29.41 3.18 -14.63
C MET B 16 29.36 2.96 -14.53
N THR B 17 30.43 2.57 -15.23
CA THR B 17 30.28 1.90 -16.52
C THR B 17 29.65 0.54 -16.26
N ALA B 18 29.16 -0.12 -17.29
CA ALA B 18 28.46 -1.39 -17.10
C ALA B 18 29.39 -2.46 -16.52
N GLY B 19 28.80 -3.37 -15.75
CA GLY B 19 29.52 -4.51 -15.20
C GLY B 19 29.24 -4.68 -13.72
N SER B 20 28.86 -5.91 -13.33
CA SER B 20 28.62 -6.21 -11.93
C SER B 20 29.80 -5.73 -11.08
N PRO B 21 29.49 -5.00 -9.99
CA PRO B 21 30.49 -4.47 -9.07
C PRO B 21 30.98 -5.53 -8.09
N ILE B 22 30.29 -6.66 -8.04
CA ILE B 22 30.61 -7.69 -7.08
C ILE B 22 31.77 -8.57 -7.56
N ILE B 23 32.87 -8.56 -6.81
CA ILE B 23 34.05 -9.31 -7.18
C ILE B 23 33.95 -10.73 -6.67
N VAL B 24 34.20 -11.69 -7.56
CA VAL B 24 34.05 -13.10 -7.23
C VAL B 24 35.29 -13.90 -7.64
N ASN B 25 35.43 -15.11 -7.11
CA ASN B 25 36.49 -16.01 -7.57
C ASN B 25 35.90 -17.32 -8.08
N ASP B 26 36.77 -18.30 -8.36
CA ASP B 26 36.35 -19.57 -8.95
C ASP B 26 35.67 -20.51 -7.95
N LYS B 27 35.70 -20.15 -6.67
CA LYS B 27 35.13 -20.98 -5.63
C LYS B 27 33.63 -20.74 -5.45
N LEU B 28 33.12 -19.68 -6.08
CA LEU B 28 31.75 -19.24 -5.83
C LEU B 28 30.73 -20.25 -6.33
N GLU B 29 29.81 -20.64 -5.46
CA GLU B 29 28.73 -21.55 -5.84
C GLU B 29 27.40 -21.00 -5.32
N ARG B 30 26.31 -21.34 -5.99
CA ARG B 30 24.99 -20.87 -5.58
C ARG B 30 24.67 -21.42 -4.18
N TYR B 31 23.93 -20.64 -3.41
CA TYR B 31 23.78 -20.82 -1.97
C TYR B 31 22.42 -21.44 -1.64
N ALA B 32 22.41 -22.51 -0.85
CA ALA B 32 21.14 -23.11 -0.44
C ALA B 32 20.46 -22.25 0.62
N GLU B 33 19.21 -21.87 0.37
CA GLU B 33 18.48 -20.94 1.24
C GLU B 33 18.40 -21.43 2.69
N VAL B 34 18.35 -22.74 2.88
CA VAL B 34 18.20 -23.31 4.21
C VAL B 34 19.35 -22.90 5.12
N ARG B 35 20.46 -22.49 4.53
CA ARG B 35 21.64 -22.09 5.28
C ARG B 35 21.51 -20.77 6.03
N THR B 36 20.49 -19.96 5.73
CA THR B 36 20.36 -18.68 6.45
C THR B 36 20.10 -18.95 7.92
N ALA B 37 20.43 -17.99 8.78
CA ALA B 37 20.30 -18.19 10.22
C ALA B 37 18.85 -18.44 10.64
N PHE B 38 17.91 -17.86 9.92
CA PHE B 38 16.48 -18.06 10.21
C PHE B 38 16.04 -19.51 10.11
N THR B 39 16.71 -20.29 9.27
CA THR B 39 16.20 -21.60 8.88
C THR B 39 17.12 -22.77 9.21
N HIS B 40 18.43 -22.51 9.35
CA HIS B 40 19.37 -23.61 9.51
C HIS B 40 19.23 -24.26 10.89
N PRO B 41 19.32 -25.60 10.95
CA PRO B 41 19.22 -26.33 12.22
C PRO B 41 20.22 -25.87 13.30
N THR B 42 21.39 -25.39 12.91
CA THR B 42 22.38 -24.97 13.90
C THR B 42 22.02 -23.66 14.60
N SER B 43 21.15 -22.88 13.97
CA SER B 43 20.88 -21.53 14.44
C SER B 43 19.40 -21.31 14.80
N PHE B 44 18.53 -22.22 14.39
CA PHE B 44 17.08 -22.02 14.47
C PHE B 44 16.55 -21.98 15.91
N PHE B 45 17.13 -22.81 16.77
CA PHE B 45 16.65 -22.93 18.13
C PHE B 45 17.41 -22.03 19.09
N LYS B 46 16.67 -21.26 19.89
CA LYS B 46 17.29 -20.36 20.85
C LYS B 46 16.53 -20.42 22.16
N PRO B 47 17.22 -20.28 23.29
CA PRO B 47 16.53 -20.24 24.58
C PRO B 47 15.70 -18.95 24.76
N ASN B 48 14.61 -19.03 25.49
CA ASN B 48 13.90 -17.82 25.89
C ASN B 48 14.46 -17.32 27.23
N TYR B 49 13.85 -16.30 27.82
CA TYR B 49 14.41 -15.72 29.04
C TYR B 49 14.27 -16.64 30.26
N LYS B 50 13.41 -17.65 30.16
CA LYS B 50 13.26 -18.63 31.25
C LYS B 50 14.19 -19.83 31.04
N GLY B 51 14.94 -19.85 29.93
CA GLY B 51 15.85 -20.95 29.69
C GLY B 51 15.23 -22.12 28.95
N GLU B 52 14.08 -21.90 28.34
CA GLU B 52 13.44 -22.95 27.54
C GLU B 52 13.83 -22.82 26.07
N VAL B 53 14.30 -23.91 25.47
CA VAL B 53 14.70 -23.85 24.07
C VAL B 53 13.51 -24.01 23.12
N LYS B 54 13.38 -23.05 22.22
CA LYS B 54 12.26 -22.99 21.28
C LYS B 54 12.77 -22.49 19.94
N PRO B 55 11.97 -22.66 18.86
CA PRO B 55 12.21 -21.88 17.64
C PRO B 55 12.46 -20.43 17.98
N TRP B 56 13.44 -19.80 17.32
CA TRP B 56 13.90 -18.47 17.73
C TRP B 56 12.75 -17.47 17.85
N PHE B 57 11.78 -17.55 16.95
CA PHE B 57 10.73 -16.54 16.95
C PHE B 57 9.74 -16.77 18.08
N LEU B 58 9.61 -18.00 18.54
CA LEU B 58 8.76 -18.29 19.68
C LEU B 58 9.39 -17.79 20.97
N SER B 59 10.71 -17.94 21.09
CA SER B 59 11.42 -17.37 22.23
C SER B 59 11.34 -15.85 22.23
N ALA B 60 11.45 -15.24 21.05
CA ALA B 60 11.32 -13.79 20.93
C ALA B 60 9.92 -13.35 21.33
N TYR B 61 8.90 -14.12 20.94
CA TYR B 61 7.53 -13.87 21.39
C TYR B 61 7.42 -13.80 22.91
N ASP B 62 8.02 -14.78 23.59
CA ASP B 62 7.99 -14.81 25.05
C ASP B 62 8.54 -13.51 25.63
N GLU B 63 9.54 -12.93 24.98
CA GLU B 63 10.16 -11.70 25.47
C GLU B 63 9.24 -10.51 25.20
N LYS B 64 8.53 -10.52 24.08
CA LYS B 64 7.53 -9.48 23.82
C LYS B 64 6.45 -9.46 24.91
N VAL B 65 5.95 -10.64 25.26
CA VAL B 65 4.93 -10.76 26.31
C VAL B 65 5.44 -10.26 27.68
N ARG B 66 6.63 -10.72 28.05
CA ARG B 66 7.26 -10.29 29.29
C ARG B 66 7.44 -8.77 29.33
N GLN B 67 7.85 -8.19 28.21
CA GLN B 67 8.07 -6.74 28.13
C GLN B 67 6.76 -5.98 28.31
N ILE B 68 5.71 -6.46 27.65
CA ILE B 68 4.40 -5.81 27.78
C ILE B 68 3.94 -5.84 29.24
N GLU B 69 4.00 -7.02 29.86
CA GLU B 69 3.57 -7.14 31.24
C GLU B 69 4.39 -6.23 32.14
N ASN B 70 5.66 -6.05 31.81
CA ASN B 70 6.54 -5.25 32.65
C ASN B 70 6.64 -3.79 32.19
N GLY B 71 5.79 -3.42 31.25
CA GLY B 71 5.74 -2.03 30.79
C GLY B 71 7.02 -1.54 30.15
N GLU B 72 7.56 -2.35 29.25
CA GLU B 72 8.80 -2.05 28.54
C GLU B 72 8.59 -2.07 27.03
N ASN B 73 9.28 -1.16 26.32
CA ASN B 73 9.26 -1.12 24.85
C ASN B 73 10.42 -1.89 24.22
N GLY B 74 11.34 -2.38 25.05
CA GLY B 74 12.49 -3.10 24.56
C GLY B 74 13.31 -3.60 25.74
N PRO B 75 14.46 -4.23 25.47
CA PRO B 75 15.32 -4.75 26.55
C PRO B 75 15.79 -3.62 27.47
N LYS B 76 15.40 -3.68 28.73
CA LYS B 76 15.74 -2.65 29.71
C LYS B 76 15.33 -1.24 29.27
N MET B 77 14.28 -1.15 28.47
CA MET B 77 13.77 0.16 28.09
C MET B 77 12.33 0.29 28.56
N LYS B 78 12.14 1.05 29.63
CA LYS B 78 10.82 1.26 30.21
C LYS B 78 9.93 2.04 29.25
N ALA B 79 8.69 1.60 29.08
CA ALA B 79 7.70 2.39 28.33
C ALA B 79 7.09 3.42 29.27
N LYS B 80 6.30 4.32 28.71
CA LYS B 80 5.59 5.30 29.54
C LYS B 80 4.69 4.56 30.53
N ASN B 81 4.04 3.51 30.04
CA ASN B 81 3.16 2.66 30.84
C ASN B 81 2.88 1.39 30.05
N VAL B 82 2.14 0.44 30.64
CA VAL B 82 1.88 -0.82 29.98
C VAL B 82 1.07 -0.62 28.68
N GLY B 83 0.20 0.37 28.67
CA GLY B 83 -0.58 0.71 27.48
C GLY B 83 0.30 1.03 26.28
N GLU B 84 1.34 1.81 26.51
CA GLU B 84 2.27 2.14 25.43
C GLU B 84 3.03 0.90 24.94
N ALA B 85 3.51 0.09 25.88
CA ALA B 85 4.21 -1.14 25.52
C ALA B 85 3.33 -2.02 24.63
N ARG B 86 2.08 -2.22 25.05
CA ARG B 86 1.11 -3.00 24.29
C ARG B 86 0.90 -2.44 22.89
N ALA B 87 0.78 -1.11 22.79
CA ALA B 87 0.54 -0.45 21.51
C ALA B 87 1.67 -0.66 20.50
N GLY B 88 2.92 -0.61 20.96
CA GLY B 88 4.04 -0.85 20.07
C GLY B 88 4.01 -2.25 19.47
N ARG B 89 3.65 -3.23 20.29
CA ARG B 89 3.64 -4.62 19.83
C ARG B 89 2.42 -4.88 18.95
N ALA B 90 1.31 -4.21 19.25
CA ALA B 90 0.11 -4.33 18.42
C ALA B 90 0.38 -3.76 17.03
N LEU B 91 1.09 -2.64 16.98
CA LEU B 91 1.44 -2.02 15.71
C LEU B 91 2.38 -2.94 14.91
N GLU B 92 3.39 -3.48 15.58
CA GLU B 92 4.29 -4.44 14.96
C GLU B 92 3.56 -5.66 14.42
N ALA B 93 2.71 -6.29 15.24
CA ALA B 93 2.02 -7.51 14.81
C ALA B 93 1.14 -7.20 13.61
N ALA B 94 0.44 -6.07 13.65
CA ALA B 94 -0.45 -5.65 12.56
C ALA B 94 0.31 -5.42 11.26
N GLY B 95 1.52 -4.87 11.34
CA GLY B 95 2.30 -4.57 10.14
C GLY B 95 2.51 -5.76 9.21
N TRP B 96 2.61 -6.95 9.81
CA TRP B 96 2.90 -8.19 9.09
C TRP B 96 1.68 -8.80 8.39
N THR B 97 0.56 -8.09 8.33
CA THR B 97 -0.70 -8.69 7.86
C THR B 97 -0.59 -9.37 6.49
N LEU B 98 0.17 -8.78 5.56
CA LEU B 98 0.24 -9.33 4.21
C LEU B 98 1.55 -10.10 3.99
N ASP B 99 2.03 -10.77 5.03
CA ASP B 99 3.30 -11.48 4.94
C ASP B 99 3.18 -12.86 5.56
N ILE B 100 3.74 -13.87 4.91
CA ILE B 100 3.67 -15.23 5.43
C ILE B 100 4.95 -15.65 6.13
N ASN B 101 4.83 -16.03 7.41
CA ASN B 101 5.93 -16.61 8.18
C ASN B 101 7.24 -15.86 8.07
N TYR B 102 7.14 -14.54 8.15
CA TYR B 102 8.29 -13.64 8.22
C TYR B 102 9.13 -13.68 6.95
N GLY B 103 8.55 -13.19 5.86
CA GLY B 103 9.33 -12.92 4.67
C GLY B 103 8.82 -13.43 3.33
N ASN B 104 7.70 -14.16 3.34
CA ASN B 104 7.14 -14.69 2.10
C ASN B 104 8.14 -15.51 1.28
N ILE B 105 8.94 -16.33 1.94
CA ILE B 105 10.04 -16.96 1.23
C ILE B 105 9.65 -18.18 0.39
N TYR B 106 8.52 -18.84 0.71
CA TYR B 106 8.15 -20.05 -0.05
C TYR B 106 7.74 -19.63 -1.45
N PRO B 107 8.47 -20.10 -2.47
CA PRO B 107 8.10 -19.65 -3.81
C PRO B 107 6.84 -20.34 -4.29
N ASN B 108 6.04 -19.62 -5.07
CA ASN B 108 4.84 -20.19 -5.68
C ASN B 108 3.85 -20.73 -4.64
N ARG B 109 3.80 -20.06 -3.49
CA ARG B 109 2.84 -20.34 -2.43
C ARG B 109 2.21 -19.04 -1.94
N PHE B 110 0.98 -19.13 -1.45
CA PHE B 110 0.29 -18.00 -0.83
C PHE B 110 0.30 -16.74 -1.72
N PHE B 111 1.00 -15.68 -1.33
CA PHE B 111 1.00 -14.46 -2.15
C PHE B 111 2.00 -14.50 -3.31
N MET B 112 2.94 -15.44 -3.25
CA MET B 112 4.07 -15.44 -4.16
C MET B 112 3.85 -16.37 -5.35
N LEU B 113 2.67 -16.33 -5.95
CA LEU B 113 2.39 -17.23 -7.07
C LEU B 113 3.19 -16.86 -8.32
N TRP B 114 3.73 -17.88 -8.99
CA TRP B 114 4.55 -17.70 -10.19
C TRP B 114 3.74 -17.54 -11.46
N SER B 115 2.44 -17.84 -11.38
CA SER B 115 1.49 -17.57 -12.45
C SER B 115 0.32 -16.80 -11.89
N GLY B 116 -0.31 -15.96 -12.71
CA GLY B 116 -1.44 -15.17 -12.23
C GLY B 116 -2.76 -15.87 -12.44
N GLU B 117 -2.74 -17.05 -13.06
CA GLU B 117 -3.97 -17.66 -13.57
C GLU B 117 -5.08 -17.90 -12.53
N THR B 118 -4.70 -18.30 -11.32
CA THR B 118 -5.69 -18.59 -10.29
C THR B 118 -6.10 -17.39 -9.43
N MET B 119 -5.44 -16.25 -9.63
CA MET B 119 -5.73 -15.08 -8.78
C MET B 119 -7.10 -14.53 -9.07
N THR B 120 -7.80 -14.05 -8.03
CA THR B 120 -9.16 -13.52 -8.21
C THR B 120 -9.17 -12.35 -9.21
N ASN B 121 -8.14 -11.53 -9.18
CA ASN B 121 -8.04 -10.41 -10.12
C ASN B 121 -7.92 -10.89 -11.57
N THR B 122 -7.10 -11.91 -11.79
CA THR B 122 -6.95 -12.45 -13.15
C THR B 122 -8.27 -13.06 -13.63
N GLN B 123 -8.98 -13.74 -12.74
CA GLN B 123 -10.25 -14.33 -13.13
C GLN B 123 -11.28 -13.26 -13.51
N LEU B 124 -11.36 -12.20 -12.71
CA LEU B 124 -12.31 -11.12 -12.96
C LEU B 124 -12.07 -10.48 -14.31
N TRP B 125 -10.79 -10.32 -14.65
CA TRP B 125 -10.37 -9.63 -15.87
C TRP B 125 -10.23 -10.52 -17.08
N ALA B 126 -10.49 -11.82 -16.92
CA ALA B 126 -10.25 -12.79 -17.98
C ALA B 126 -10.92 -12.45 -19.33
N PRO B 127 -12.16 -11.90 -19.33
CA PRO B 127 -12.73 -11.61 -20.66
C PRO B 127 -11.92 -10.59 -21.49
N VAL B 128 -11.12 -9.75 -20.86
CA VAL B 128 -10.31 -8.79 -21.61
C VAL B 128 -9.12 -9.51 -22.26
N GLY B 129 -8.67 -10.58 -21.62
CA GLY B 129 -7.58 -11.39 -22.16
C GLY B 129 -6.20 -10.76 -22.20
N LEU B 130 -5.90 -9.85 -21.28
CA LEU B 130 -4.59 -9.19 -21.28
C LEU B 130 -3.48 -10.19 -21.03
N ASP B 131 -3.76 -11.22 -20.23
CA ASP B 131 -2.72 -12.16 -19.86
C ASP B 131 -2.50 -13.20 -20.96
N ARG B 132 -3.33 -13.16 -22.00
CA ARG B 132 -3.20 -14.09 -23.11
C ARG B 132 -2.80 -13.40 -24.40
N ARG B 133 -2.99 -12.08 -24.46
CA ARG B 133 -2.68 -11.29 -25.66
C ARG B 133 -1.16 -11.13 -25.80
N PRO B 134 -0.60 -11.50 -26.98
CA PRO B 134 0.84 -11.28 -27.14
C PRO B 134 1.22 -9.81 -26.88
N PRO B 135 2.46 -9.58 -26.42
CA PRO B 135 2.89 -8.21 -26.13
C PRO B 135 2.75 -7.27 -27.33
N ASP B 136 2.24 -6.07 -27.09
CA ASP B 136 2.16 -5.05 -28.14
C ASP B 136 3.42 -4.18 -28.17
N THR B 137 4.24 -4.31 -27.13
CA THR B 137 5.48 -3.55 -27.01
C THR B 137 6.62 -4.51 -26.71
N THR B 138 7.67 -4.48 -27.52
CA THR B 138 8.85 -5.31 -27.30
C THR B 138 10.09 -4.44 -27.14
N ASP B 139 9.92 -3.15 -27.40
CA ASP B 139 11.00 -2.16 -27.27
C ASP B 139 11.43 -2.01 -25.81
N PRO B 140 12.68 -2.39 -25.49
CA PRO B 140 13.12 -2.36 -24.09
C PRO B 140 13.08 -0.96 -23.47
N VAL B 141 13.30 0.07 -24.28
CA VAL B 141 13.24 1.44 -23.78
C VAL B 141 11.85 1.82 -23.30
N GLU B 142 10.84 1.61 -24.14
CA GLU B 142 9.46 1.93 -23.74
C GLU B 142 9.00 1.04 -22.59
N LEU B 143 9.40 -0.23 -22.60
CA LEU B 143 9.01 -1.14 -21.53
C LEU B 143 9.62 -0.72 -20.19
N THR B 144 10.87 -0.29 -20.22
CA THR B 144 11.52 0.16 -19.01
C THR B 144 10.79 1.37 -18.42
N ASN B 145 10.40 2.33 -19.27
CA ASN B 145 9.62 3.46 -18.78
C ASN B 145 8.26 3.04 -18.21
N TYR B 146 7.56 2.16 -18.93
CA TYR B 146 6.25 1.69 -18.47
C TYR B 146 6.35 0.95 -17.14
N VAL B 147 7.32 0.04 -17.01
CA VAL B 147 7.36 -0.82 -15.84
C VAL B 147 7.84 -0.03 -14.63
N LYS B 148 8.72 0.96 -14.82
CA LYS B 148 9.16 1.78 -13.71
C LYS B 148 8.04 2.71 -13.21
N PHE B 149 7.23 3.25 -14.11
CA PHE B 149 6.07 4.05 -13.72
C PHE B 149 5.15 3.17 -12.87
N ALA B 150 4.88 1.96 -13.35
CA ALA B 150 4.06 0.99 -12.60
C ALA B 150 4.64 0.66 -11.22
N ALA B 151 5.95 0.47 -11.15
CA ALA B 151 6.63 0.21 -9.88
C ALA B 151 6.42 1.30 -8.85
N ARG B 152 6.45 2.56 -9.29
CA ARG B 152 6.21 3.66 -8.38
C ARG B 152 4.74 3.66 -7.91
N MET B 153 3.80 3.42 -8.84
CA MET B 153 2.41 3.25 -8.45
C MET B 153 2.25 2.11 -7.44
N ALA B 154 3.06 1.06 -7.61
CA ALA B 154 3.00 -0.12 -6.74
C ALA B 154 3.72 0.03 -5.39
N GLY B 155 4.28 1.20 -5.10
CA GLY B 155 4.80 1.48 -3.78
C GLY B 155 6.31 1.44 -3.61
N ALA B 156 7.04 1.27 -4.72
CA ALA B 156 8.49 1.39 -4.68
C ALA B 156 8.92 2.85 -4.51
N ASP B 157 9.87 3.09 -3.62
CA ASP B 157 10.47 4.40 -3.48
C ASP B 157 11.69 4.52 -4.38
N LEU B 158 12.34 3.37 -4.62
CA LEU B 158 13.43 3.24 -5.58
C LEU B 158 13.12 2.07 -6.51
N VAL B 159 13.56 2.15 -7.76
CA VAL B 159 13.43 0.99 -8.64
C VAL B 159 14.61 0.95 -9.59
N GLY B 160 15.10 -0.25 -9.85
CA GLY B 160 16.20 -0.43 -10.77
C GLY B 160 16.12 -1.76 -11.49
N VAL B 161 16.87 -1.88 -12.58
CA VAL B 161 16.85 -3.07 -13.41
C VAL B 161 18.26 -3.61 -13.61
N ALA B 162 18.42 -4.93 -13.50
CA ALA B 162 19.68 -5.58 -13.84
C ALA B 162 19.42 -6.83 -14.65
N ARG B 163 20.40 -7.25 -15.46
CA ARG B 163 20.40 -8.61 -15.98
C ARG B 163 20.46 -9.55 -14.78
N LEU B 164 19.75 -10.67 -14.87
CA LEU B 164 19.73 -11.64 -13.78
C LEU B 164 21.05 -12.40 -13.70
N ASN B 165 21.74 -12.23 -12.58
CA ASN B 165 22.94 -13.00 -12.28
C ASN B 165 22.55 -14.22 -11.46
N ARG B 166 22.67 -15.40 -12.05
CA ARG B 166 22.15 -16.61 -11.41
C ARG B 166 22.93 -17.03 -10.16
N ASN B 167 24.10 -16.43 -9.96
CA ASN B 167 24.91 -16.68 -8.78
C ASN B 167 24.20 -16.31 -7.48
N TRP B 168 23.23 -15.39 -7.56
CA TRP B 168 22.56 -14.91 -6.37
C TRP B 168 21.20 -15.58 -6.19
N VAL B 169 20.83 -16.43 -7.13
CA VAL B 169 19.61 -17.20 -7.01
C VAL B 169 19.91 -18.41 -6.14
N TYR B 170 19.06 -18.67 -5.15
CA TYR B 170 19.32 -19.80 -4.25
C TYR B 170 19.38 -21.10 -5.04
N SER B 171 20.33 -21.97 -4.68
CA SER B 171 20.44 -23.25 -5.33
C SER B 171 19.19 -24.08 -5.05
N GLU B 172 18.69 -23.97 -3.83
CA GLU B 172 17.50 -24.69 -3.38
C GLU B 172 16.69 -23.78 -2.47
N ALA B 173 15.39 -23.71 -2.72
CA ALA B 173 14.52 -22.86 -1.91
C ALA B 173 14.03 -23.58 -0.68
N VAL B 174 13.67 -22.81 0.35
CA VAL B 174 12.86 -23.33 1.45
C VAL B 174 11.40 -23.13 1.09
N THR B 175 10.61 -24.19 1.12
CA THR B 175 9.21 -24.10 0.73
C THR B 175 8.41 -25.13 1.51
N ILE B 176 7.16 -25.35 1.11
CA ILE B 176 6.30 -26.38 1.69
C ILE B 176 5.63 -27.15 0.56
N PRO B 177 5.21 -28.40 0.81
CA PRO B 177 4.43 -29.10 -0.23
C PRO B 177 3.19 -28.28 -0.61
N ALA B 178 2.77 -28.35 -1.87
CA ALA B 178 1.77 -27.42 -2.40
C ALA B 178 0.41 -27.56 -1.74
N ASP B 179 0.07 -28.76 -1.28
CA ASP B 179 -1.24 -29.00 -0.65
C ASP B 179 -1.22 -28.96 0.88
N VAL B 180 -0.12 -28.48 1.46
CA VAL B 180 -0.08 -28.27 2.91
C VAL B 180 -0.71 -26.92 3.26
N PRO B 181 -1.72 -26.93 4.14
CA PRO B 181 -2.45 -25.72 4.57
C PRO B 181 -1.58 -24.85 5.46
N TYR B 182 -1.93 -23.57 5.59
CA TYR B 182 -1.09 -22.66 6.35
C TYR B 182 -0.81 -23.18 7.77
N GLU B 183 -1.81 -23.74 8.43
CA GLU B 183 -1.66 -24.09 9.84
C GLU B 183 -0.58 -25.17 10.08
N GLN B 184 -0.19 -25.90 9.03
CA GLN B 184 0.87 -26.89 9.15
C GLN B 184 2.20 -26.44 8.50
N SER B 185 2.24 -25.22 7.98
CA SER B 185 3.37 -24.81 7.15
C SER B 185 4.69 -24.76 7.90
N LEU B 186 4.68 -24.24 9.13
CA LEU B 186 5.92 -24.07 9.89
C LEU B 186 6.59 -25.42 10.18
N HIS B 187 5.77 -26.45 10.35
CA HIS B 187 6.25 -27.79 10.70
C HIS B 187 6.57 -28.67 9.49
N LYS B 188 6.25 -28.21 8.29
CA LYS B 188 6.45 -29.03 7.09
C LYS B 188 7.27 -28.34 6.02
N GLU B 189 8.23 -27.52 6.44
CA GLU B 189 9.13 -26.88 5.50
C GLU B 189 10.09 -27.90 4.88
N ILE B 190 10.30 -27.78 3.57
CA ILE B 190 11.19 -28.67 2.84
C ILE B 190 12.15 -27.84 1.98
N GLU B 191 13.14 -28.51 1.43
N GLU B 191 13.10 -28.52 1.36
CA GLU B 191 14.03 -27.89 0.44
CA GLU B 191 14.04 -27.85 0.46
C GLU B 191 13.57 -28.28 -0.95
C GLU B 191 13.82 -28.35 -0.96
N LYS B 192 13.85 -27.41 -1.92
CA LYS B 192 13.47 -27.69 -3.29
C LYS B 192 14.36 -26.94 -4.28
N PRO B 193 15.02 -27.68 -5.19
CA PRO B 193 15.90 -27.05 -6.19
C PRO B 193 15.20 -26.00 -7.05
N ILE B 194 15.91 -24.92 -7.31
CA ILE B 194 15.52 -23.94 -8.33
C ILE B 194 16.44 -24.14 -9.54
N VAL B 195 15.86 -24.51 -10.68
CA VAL B 195 16.68 -24.81 -11.84
C VAL B 195 16.26 -23.98 -13.04
N PHE B 196 17.21 -23.76 -13.95
CA PHE B 196 16.92 -23.02 -15.18
C PHE B 196 16.87 -24.00 -16.35
N LYS B 197 15.76 -24.00 -17.08
CA LYS B 197 15.61 -24.89 -18.22
C LYS B 197 14.98 -24.20 -19.43
N ASP B 198 15.06 -24.85 -20.59
CA ASP B 198 14.40 -24.35 -21.79
C ASP B 198 12.92 -24.70 -21.76
N VAL B 199 12.13 -23.87 -21.10
CA VAL B 199 10.68 -24.02 -21.04
C VAL B 199 10.07 -22.65 -21.32
N PRO B 200 8.82 -22.62 -21.80
CA PRO B 200 8.21 -21.32 -22.12
C PRO B 200 7.85 -20.45 -20.90
N LEU B 201 7.41 -21.07 -19.80
CA LEU B 201 6.89 -20.35 -18.65
C LEU B 201 7.44 -20.90 -17.33
N PRO B 202 7.55 -20.04 -16.30
CA PRO B 202 7.94 -20.54 -14.97
C PRO B 202 6.97 -21.63 -14.51
N ILE B 203 7.49 -22.73 -13.99
CA ILE B 203 6.64 -23.86 -13.68
C ILE B 203 7.22 -24.62 -12.50
N GLU B 204 6.36 -25.21 -11.70
CA GLU B 204 6.81 -26.03 -10.59
C GLU B 204 6.33 -27.47 -10.73
N THR B 205 7.26 -28.41 -10.57
CA THR B 205 6.91 -29.83 -10.56
C THR B 205 7.05 -30.35 -9.14
N ASP B 206 6.83 -31.65 -8.93
CA ASP B 206 7.04 -32.24 -7.62
C ASP B 206 8.49 -32.05 -7.19
N ASP B 207 9.41 -32.05 -8.16
CA ASP B 207 10.83 -32.12 -7.84
C ASP B 207 11.55 -30.77 -7.91
N GLU B 208 11.04 -29.86 -8.72
CA GLU B 208 11.79 -28.66 -9.07
C GLU B 208 10.95 -27.41 -9.21
N LEU B 209 11.53 -26.29 -8.81
CA LEU B 209 11.04 -24.99 -9.23
C LEU B 209 11.81 -24.62 -10.48
N ILE B 210 11.10 -24.45 -11.60
CA ILE B 210 11.78 -24.26 -12.87
C ILE B 210 11.61 -22.83 -13.40
N ILE B 211 12.73 -22.14 -13.54
CA ILE B 211 12.75 -20.80 -14.14
C ILE B 211 13.20 -20.90 -15.59
N PRO B 212 12.50 -20.23 -16.51
CA PRO B 212 12.92 -20.36 -17.91
C PRO B 212 14.29 -19.75 -18.17
N ASN B 213 15.02 -20.30 -19.14
CA ASN B 213 16.27 -19.71 -19.58
C ASN B 213 16.07 -18.31 -20.16
N THR B 214 14.84 -18.00 -20.59
CA THR B 214 14.52 -16.68 -21.12
C THR B 214 14.34 -15.61 -20.05
N CYS B 215 14.43 -15.99 -18.78
CA CYS B 215 14.23 -15.04 -17.68
C CYS B 215 15.45 -14.16 -17.52
N GLU B 216 15.49 -13.10 -18.33
CA GLU B 216 16.71 -12.32 -18.53
C GLU B 216 17.00 -11.32 -17.43
N ASN B 217 15.94 -10.82 -16.80
CA ASN B 217 16.03 -9.58 -16.01
C ASN B 217 15.47 -9.68 -14.61
N VAL B 218 16.00 -8.85 -13.71
CA VAL B 218 15.41 -8.70 -12.39
C VAL B 218 15.11 -7.21 -12.18
N ILE B 219 13.92 -6.94 -11.68
CA ILE B 219 13.51 -5.59 -11.29
C ILE B 219 13.59 -5.52 -9.78
N VAL B 220 14.40 -4.62 -9.25
CA VAL B 220 14.58 -4.53 -7.80
C VAL B 220 13.93 -3.25 -7.27
N ALA B 221 13.14 -3.39 -6.21
CA ALA B 221 12.49 -2.23 -5.61
C ALA B 221 13.02 -1.96 -4.21
N GLY B 222 13.22 -0.68 -3.92
CA GLY B 222 13.53 -0.20 -2.58
C GLY B 222 12.26 0.38 -1.94
N ILE B 223 11.97 -0.07 -0.73
CA ILE B 223 10.77 0.33 0.01
C ILE B 223 11.21 0.99 1.31
N ALA B 224 11.08 2.32 1.37
CA ALA B 224 11.69 3.11 2.44
C ALA B 224 11.02 2.87 3.81
N MET B 225 11.86 2.66 4.83
CA MET B 225 11.38 2.58 6.19
C MET B 225 11.31 3.96 6.83
N ASN B 226 10.69 4.05 8.00
CA ASN B 226 10.55 5.33 8.68
C ASN B 226 11.75 5.61 9.57
N ARG B 227 12.36 6.78 9.39
CA ARG B 227 13.59 7.10 10.12
C ARG B 227 13.39 7.21 11.63
N GLU B 228 12.36 7.93 12.07
CA GLU B 228 12.12 8.12 13.51
C GLU B 228 11.87 6.78 14.21
N MET B 229 11.14 5.90 13.54
CA MET B 229 10.85 4.60 14.12
C MET B 229 12.08 3.70 14.13
N MET B 230 12.84 3.68 13.03
CA MET B 230 14.04 2.82 13.01
C MET B 230 15.06 3.29 14.04
N GLN B 231 15.06 4.57 14.36
CA GLN B 231 16.02 5.07 15.32
C GLN B 231 15.69 4.64 16.75
N THR B 232 14.57 3.94 16.95
CA THR B 232 14.28 3.41 18.27
C THR B 232 14.85 2.00 18.44
N ALA B 233 15.54 1.50 17.41
CA ALA B 233 16.15 0.17 17.49
C ALA B 233 17.00 0.07 18.75
N PRO B 234 16.99 -1.09 19.42
CA PRO B 234 16.33 -2.35 19.06
C PRO B 234 14.90 -2.49 19.61
N ASN B 235 14.27 -1.37 19.93
CA ASN B 235 12.96 -1.37 20.59
C ASN B 235 11.80 -1.52 19.61
N SER B 236 10.57 -1.52 20.12
CA SER B 236 9.43 -2.03 19.35
C SER B 236 9.05 -1.21 18.12
N MET B 237 9.25 0.11 18.16
CA MET B 237 8.81 0.89 17.00
C MET B 237 9.69 0.61 15.77
N ALA B 238 10.94 0.21 15.98
CA ALA B 238 11.77 -0.21 14.85
C ALA B 238 11.23 -1.51 14.24
N CYS B 239 10.73 -2.40 15.09
CA CYS B 239 10.06 -3.62 14.62
C CYS B 239 8.83 -3.28 13.78
N ALA B 240 8.12 -2.24 14.19
CA ALA B 240 6.87 -1.90 13.50
C ALA B 240 7.12 -1.36 12.09
N THR B 241 8.14 -0.54 11.90
CA THR B 241 8.35 -0.01 10.54
C THR B 241 8.90 -1.15 9.66
N THR B 242 9.69 -2.03 10.25
CA THR B 242 10.12 -3.25 9.55
C THR B 242 8.92 -4.05 9.06
N ALA B 243 7.99 -4.32 9.98
CA ALA B 243 6.83 -5.15 9.66
C ALA B 243 5.97 -4.54 8.55
N PHE B 244 5.62 -3.27 8.68
CA PHE B 244 4.76 -2.64 7.65
C PHE B 244 5.42 -2.68 6.28
N CYS B 245 6.74 -2.50 6.23
CA CYS B 245 7.38 -2.53 4.93
C CYS B 245 7.39 -3.92 4.31
N TYR B 246 7.32 -4.98 5.11
CA TYR B 246 7.20 -6.32 4.51
C TYR B 246 5.84 -6.47 3.82
N SER B 247 4.77 -5.93 4.39
CA SER B 247 3.48 -6.03 3.71
C SER B 247 3.48 -5.14 2.47
N ARG B 248 4.18 -4.01 2.51
CA ARG B 248 4.34 -3.17 1.31
C ARG B 248 5.12 -3.90 0.21
N MET B 249 6.14 -4.66 0.60
CA MET B 249 6.88 -5.51 -0.34
C MET B 249 5.98 -6.49 -1.05
N CYS B 250 5.13 -7.14 -0.26
CA CYS B 250 4.23 -8.14 -0.82
C CYS B 250 3.29 -7.53 -1.84
N MET B 251 2.69 -6.39 -1.49
CA MET B 251 1.76 -5.75 -2.40
C MET B 251 2.48 -5.27 -3.66
N PHE B 252 3.69 -4.73 -3.50
CA PHE B 252 4.49 -4.36 -4.66
C PHE B 252 4.65 -5.54 -5.62
N ASP B 253 5.09 -6.68 -5.09
CA ASP B 253 5.35 -7.85 -5.92
C ASP B 253 4.12 -8.27 -6.69
N MET B 254 2.97 -8.33 -6.01
CA MET B 254 1.75 -8.77 -6.69
C MET B 254 1.29 -7.77 -7.75
N TRP B 255 1.25 -6.49 -7.39
CA TRP B 255 0.87 -5.44 -8.33
C TRP B 255 1.75 -5.48 -9.57
N LEU B 256 3.06 -5.55 -9.36
CA LEU B 256 3.96 -5.44 -10.50
C LEU B 256 3.98 -6.71 -11.35
N CYS B 257 3.93 -7.88 -10.71
CA CYS B 257 3.78 -9.12 -11.49
C CYS B 257 2.51 -9.08 -12.35
N GLN B 258 1.42 -8.61 -11.77
CA GLN B 258 0.18 -8.55 -12.54
C GLN B 258 0.32 -7.58 -13.72
N PHE B 259 0.95 -6.43 -13.51
CA PHE B 259 1.17 -5.49 -14.61
C PHE B 259 1.98 -6.14 -15.73
N ILE B 260 3.07 -6.80 -15.36
CA ILE B 260 3.96 -7.43 -16.33
C ILE B 260 3.24 -8.54 -17.12
N ARG B 261 2.43 -9.32 -16.40
CA ARG B 261 1.63 -10.37 -17.03
C ARG B 261 0.59 -9.79 -17.97
N TYR B 262 -0.04 -8.69 -17.57
CA TYR B 262 -1.05 -8.06 -18.41
C TYR B 262 -0.43 -7.34 -19.61
N MET B 263 0.90 -7.18 -19.58
CA MET B 263 1.65 -6.64 -20.72
C MET B 263 2.06 -7.73 -21.70
N GLY B 264 1.84 -8.99 -21.33
CA GLY B 264 2.13 -10.09 -22.23
C GLY B 264 3.39 -10.87 -21.88
N TYR B 265 3.96 -10.63 -20.71
CA TYR B 265 5.19 -11.33 -20.31
C TYR B 265 4.96 -12.14 -19.04
N TYR B 266 5.94 -12.91 -18.58
CA TYR B 266 5.74 -13.58 -17.29
C TYR B 266 6.53 -12.88 -16.20
N ALA B 267 6.18 -13.16 -14.94
CA ALA B 267 6.82 -12.48 -13.82
C ALA B 267 6.84 -13.36 -12.59
N ILE B 268 8.00 -13.41 -11.93
CA ILE B 268 8.17 -14.20 -10.73
C ILE B 268 8.38 -13.27 -9.53
N PRO B 269 7.45 -13.30 -8.56
CA PRO B 269 7.62 -12.47 -7.36
C PRO B 269 8.61 -13.12 -6.39
N SER B 270 9.07 -12.44 -5.36
CA SER B 270 9.97 -13.13 -4.42
C SER B 270 9.97 -12.67 -2.96
N CYS B 271 9.81 -11.37 -2.72
CA CYS B 271 10.02 -10.80 -1.38
C CYS B 271 11.37 -11.31 -0.85
N ASN B 272 11.40 -12.00 0.29
CA ASN B 272 12.70 -12.44 0.84
C ASN B 272 13.16 -13.80 0.29
N GLY B 273 12.38 -14.38 -0.61
CA GLY B 273 12.75 -15.68 -1.17
C GLY B 273 13.49 -15.57 -2.48
N VAL B 274 13.74 -16.74 -3.06
CA VAL B 274 14.28 -16.98 -4.41
C VAL B 274 15.77 -16.64 -4.58
N GLY B 275 16.18 -15.47 -4.09
CA GLY B 275 17.59 -15.10 -4.19
C GLY B 275 17.99 -13.97 -3.26
N GLN B 276 19.26 -13.57 -3.36
CA GLN B 276 19.83 -12.62 -2.43
C GLN B 276 19.61 -11.18 -2.87
N SER B 277 18.70 -10.49 -2.19
CA SER B 277 18.27 -9.15 -2.60
C SER B 277 19.38 -8.11 -2.65
N VAL B 278 20.31 -8.17 -1.70
CA VAL B 278 21.36 -7.17 -1.65
C VAL B 278 22.23 -7.21 -2.91
N ALA B 279 22.57 -8.42 -3.36
CA ALA B 279 23.38 -8.55 -4.56
C ALA B 279 22.64 -7.99 -5.79
N PHE B 280 21.37 -8.37 -5.93
CA PHE B 280 20.53 -7.83 -7.00
C PHE B 280 20.45 -6.30 -6.94
N ALA B 281 20.26 -5.75 -5.73
CA ALA B 281 20.13 -4.30 -5.59
C ALA B 281 21.39 -3.56 -6.00
N VAL B 282 22.54 -4.11 -5.66
CA VAL B 282 23.81 -3.50 -6.03
C VAL B 282 24.00 -3.56 -7.55
N GLU B 283 23.66 -4.70 -8.15
CA GLU B 283 23.83 -4.85 -9.59
C GLU B 283 22.85 -3.99 -10.35
N ALA B 284 21.71 -3.71 -9.73
CA ALA B 284 20.70 -2.86 -10.35
C ALA B 284 20.92 -1.37 -10.08
N GLY B 285 22.00 -1.03 -9.37
CA GLY B 285 22.35 0.37 -9.13
C GLY B 285 21.57 1.12 -8.05
N LEU B 286 20.86 0.40 -7.18
CA LEU B 286 20.17 1.07 -6.07
C LEU B 286 21.15 1.65 -5.05
N GLY B 287 22.27 0.97 -4.85
CA GLY B 287 23.25 1.40 -3.87
C GLY B 287 24.49 0.53 -3.89
N GLN B 288 25.27 0.59 -2.82
CA GLN B 288 26.50 -0.21 -2.69
C GLN B 288 26.44 -1.11 -1.47
N ALA B 289 27.13 -2.24 -1.53
CA ALA B 289 27.27 -3.10 -0.36
C ALA B 289 28.09 -2.39 0.72
N SER B 290 27.82 -2.72 1.98
CA SER B 290 28.40 -2.03 3.11
C SER B 290 29.02 -3.01 4.12
N ARG B 291 29.68 -2.47 5.14
CA ARG B 291 30.25 -3.30 6.20
C ARG B 291 29.17 -4.16 6.88
N MET B 292 28.04 -3.56 7.21
CA MET B 292 27.01 -4.29 7.93
C MET B 292 26.41 -5.41 7.07
N GLY B 293 26.52 -5.27 5.75
CA GLY B 293 26.06 -6.29 4.82
C GLY B 293 24.88 -5.84 3.98
N ALA B 294 24.32 -4.69 4.32
CA ALA B 294 23.17 -4.15 3.61
C ALA B 294 23.56 -3.33 2.38
N CYS B 295 22.59 -3.14 1.50
CA CYS B 295 22.73 -2.20 0.39
C CYS B 295 22.47 -0.80 0.93
N ILE B 296 23.43 0.09 0.75
CA ILE B 296 23.30 1.46 1.19
C ILE B 296 22.95 2.34 0.01
N THR B 297 21.83 3.05 0.09
CA THR B 297 21.33 3.90 -0.99
C THR B 297 21.63 5.37 -0.71
N PRO B 298 21.79 6.18 -1.77
CA PRO B 298 21.99 7.61 -1.51
C PRO B 298 20.81 8.24 -0.79
N GLU B 299 19.60 7.76 -1.07
CA GLU B 299 18.40 8.42 -0.56
C GLU B 299 18.10 8.06 0.89
N PHE B 300 18.30 6.80 1.26
CA PHE B 300 17.85 6.29 2.56
C PHE B 300 18.95 5.62 3.35
N GLY B 301 20.16 5.59 2.82
CA GLY B 301 21.20 4.73 3.40
C GLY B 301 20.73 3.29 3.37
N PRO B 302 21.02 2.53 4.44
CA PRO B 302 20.54 1.15 4.53
C PRO B 302 19.11 1.04 5.05
N ASN B 303 18.47 2.16 5.38
CA ASN B 303 17.17 2.16 6.02
C ASN B 303 16.05 1.97 4.99
N VAL B 304 16.12 0.88 4.25
CA VAL B 304 15.24 0.68 3.12
C VAL B 304 15.14 -0.83 2.88
N ARG B 305 13.93 -1.32 2.60
CA ARG B 305 13.76 -2.75 2.37
C ARG B 305 13.82 -3.01 0.88
N LEU B 306 14.17 -4.24 0.54
CA LEU B 306 14.30 -4.65 -0.84
C LEU B 306 13.32 -5.77 -1.19
N THR B 307 12.80 -5.71 -2.40
CA THR B 307 12.16 -6.88 -2.97
C THR B 307 12.48 -6.89 -4.46
N LYS B 308 12.15 -7.98 -5.14
CA LYS B 308 12.51 -8.09 -6.54
C LYS B 308 11.56 -8.99 -7.32
N VAL B 309 11.50 -8.75 -8.62
CA VAL B 309 10.63 -9.46 -9.53
C VAL B 309 11.47 -9.89 -10.72
N PHE B 310 11.34 -11.16 -11.12
CA PHE B 310 12.10 -11.69 -12.24
C PHE B 310 11.22 -11.82 -13.48
N THR B 311 11.76 -11.50 -14.66
CA THR B 311 10.93 -11.44 -15.86
C THR B 311 11.68 -11.61 -17.18
N ASN B 312 10.97 -12.08 -18.21
CA ASN B 312 11.49 -12.11 -19.58
C ASN B 312 11.18 -10.80 -20.34
N MET B 313 10.51 -9.85 -19.68
CA MET B 313 10.23 -8.57 -20.31
C MET B 313 11.52 -7.86 -20.70
N PRO B 314 11.65 -7.48 -21.99
CA PRO B 314 12.84 -6.75 -22.45
C PRO B 314 12.96 -5.43 -21.71
N LEU B 315 14.15 -5.14 -21.18
CA LEU B 315 14.36 -3.98 -20.34
C LEU B 315 15.78 -3.44 -20.52
N VAL B 316 15.97 -2.16 -20.22
CA VAL B 316 17.30 -1.57 -20.23
C VAL B 316 17.91 -1.63 -18.84
N PRO B 317 19.01 -2.40 -18.68
CA PRO B 317 19.63 -2.47 -17.36
C PRO B 317 20.14 -1.11 -16.90
N ASP B 318 19.98 -0.81 -15.62
CA ASP B 318 20.53 0.40 -15.03
C ASP B 318 22.03 0.26 -14.78
N LYS B 319 22.73 1.39 -14.69
CA LYS B 319 24.15 1.37 -14.36
C LYS B 319 24.37 1.21 -12.86
N PRO B 320 25.41 0.46 -12.48
CA PRO B 320 25.81 0.40 -11.08
C PRO B 320 26.26 1.78 -10.61
N ILE B 321 26.25 2.01 -9.31
CA ILE B 321 26.59 3.33 -8.78
C ILE B 321 27.71 3.23 -7.75
N ASP B 322 28.60 4.20 -7.76
CA ASP B 322 29.70 4.24 -6.79
C ASP B 322 29.78 5.64 -6.21
N PHE B 323 29.28 5.80 -4.99
CA PHE B 323 29.39 7.10 -4.32
C PHE B 323 30.28 7.01 -3.08
N GLY B 324 31.18 6.03 -3.07
CA GLY B 324 32.25 5.99 -2.08
C GLY B 324 31.96 5.22 -0.80
N VAL B 325 30.90 4.42 -0.81
CA VAL B 325 30.50 3.67 0.39
C VAL B 325 31.63 2.75 0.87
N THR B 326 32.26 2.04 -0.06
CA THR B 326 33.31 1.07 0.28
C THR B 326 34.44 1.73 1.07
N GLU B 327 34.92 2.87 0.57
CA GLU B 327 35.98 3.63 1.22
C GLU B 327 35.54 4.19 2.57
N PHE B 328 34.27 4.58 2.67
CA PHE B 328 33.75 5.10 3.92
C PHE B 328 33.68 4.01 5.00
N CYS B 329 33.11 2.86 4.65
CA CYS B 329 33.00 1.74 5.59
C CYS B 329 34.38 1.24 6.01
N GLU B 330 35.38 1.54 5.20
CA GLU B 330 36.73 1.12 5.51
C GLU B 330 37.18 1.66 6.86
N THR B 331 36.86 2.93 7.11
CA THR B 331 37.39 3.63 8.28
C THR B 331 36.34 3.90 9.35
N CYS B 332 35.06 3.75 8.99
CA CYS B 332 33.97 4.09 9.89
C CYS B 332 33.85 3.10 11.05
N LYS B 333 33.38 1.90 10.74
CA LYS B 333 33.17 0.81 11.72
C LYS B 333 32.16 1.12 12.84
N LYS B 334 31.27 2.09 12.62
CA LYS B 334 30.30 2.49 13.66
C LYS B 334 29.28 1.39 13.95
N CYS B 335 28.75 0.76 12.91
CA CYS B 335 27.81 -0.34 13.07
C CYS B 335 28.45 -1.47 13.90
N ALA B 336 29.72 -1.73 13.62
CA ALA B 336 30.45 -2.81 14.27
C ALA B 336 30.69 -2.57 15.77
N ARG B 337 30.94 -1.31 16.13
CA ARG B 337 31.14 -0.98 17.54
C ARG B 337 29.82 -0.98 18.33
N GLU B 338 28.71 -0.65 17.65
CA GLU B 338 27.44 -0.50 18.33
C GLU B 338 26.61 -1.79 18.36
N CYS B 339 26.97 -2.74 17.51
CA CYS B 339 26.21 -3.99 17.40
C CYS B 339 26.16 -4.74 18.73
N PRO B 340 24.94 -4.99 19.24
CA PRO B 340 24.83 -5.61 20.56
C PRO B 340 25.36 -7.04 20.66
N SER B 341 25.57 -7.70 19.52
CA SER B 341 26.00 -9.09 19.52
C SER B 341 27.43 -9.27 18.95
N LYS B 342 28.07 -8.16 18.62
CA LYS B 342 29.37 -8.17 17.94
C LYS B 342 29.38 -9.08 16.72
N ALA B 343 28.28 -9.06 15.96
CA ALA B 343 28.13 -9.88 14.78
C ALA B 343 28.91 -9.33 13.59
N ILE B 344 29.09 -8.00 13.58
CA ILE B 344 29.69 -7.33 12.44
C ILE B 344 31.20 -7.16 12.62
N THR B 345 31.94 -7.56 11.59
CA THR B 345 33.40 -7.56 11.66
C THR B 345 33.99 -6.15 11.56
N GLU B 346 35.10 -5.94 12.27
CA GLU B 346 35.86 -4.70 12.12
C GLU B 346 37.02 -4.93 11.18
N GLY B 347 37.10 -6.12 10.62
CA GLY B 347 38.23 -6.50 9.77
C GLY B 347 38.00 -6.14 8.32
N PRO B 348 38.95 -6.53 7.45
CA PRO B 348 38.88 -6.26 6.01
C PRO B 348 37.96 -7.22 5.26
N ARG B 349 37.66 -6.91 4.00
CA ARG B 349 36.83 -7.79 3.17
C ARG B 349 37.62 -9.03 2.74
N THR B 350 36.94 -10.18 2.67
CA THR B 350 37.55 -11.42 2.18
C THR B 350 36.58 -12.22 1.29
N PHE B 351 37.09 -13.27 0.65
CA PHE B 351 36.26 -14.18 -0.16
C PHE B 351 35.81 -15.40 0.63
N GLU B 352 36.13 -15.46 1.91
CA GLU B 352 35.84 -16.66 2.69
C GLU B 352 34.85 -16.38 3.81
N GLY B 353 33.75 -17.12 3.82
CA GLY B 353 32.68 -16.93 4.79
C GLY B 353 33.12 -17.25 6.21
N ARG B 354 32.54 -16.56 7.18
CA ARG B 354 32.88 -16.84 8.57
C ARG B 354 32.20 -18.10 9.06
N SER B 355 31.05 -18.44 8.48
CA SER B 355 30.33 -19.65 8.86
C SER B 355 29.41 -20.10 7.73
N ILE B 356 28.61 -21.12 8.03
CA ILE B 356 27.71 -21.69 7.03
C ILE B 356 26.72 -20.64 6.48
N HIS B 357 26.44 -19.61 7.26
CA HIS B 357 25.42 -18.63 6.88
C HIS B 357 25.90 -17.68 5.77
N ASN B 358 27.21 -17.62 5.54
CA ASN B 358 27.74 -16.78 4.45
C ASN B 358 27.97 -17.55 3.16
N GLN B 359 27.79 -16.88 2.03
CA GLN B 359 28.16 -17.44 0.75
C GLN B 359 29.60 -17.05 0.43
N SER B 360 30.51 -18.03 0.48
CA SER B 360 31.90 -17.81 0.13
C SER B 360 32.06 -17.56 -1.35
N GLY B 361 33.17 -16.92 -1.72
CA GLY B 361 33.51 -16.76 -3.12
C GLY B 361 33.23 -15.39 -3.68
N LYS B 362 32.76 -14.48 -2.84
CA LYS B 362 32.52 -13.10 -3.26
C LYS B 362 33.15 -12.16 -2.24
N LEU B 363 33.72 -11.06 -2.71
CA LEU B 363 34.42 -10.13 -1.82
C LEU B 363 33.42 -9.29 -1.06
N GLN B 364 33.40 -9.46 0.26
CA GLN B 364 32.46 -8.75 1.11
C GLN B 364 33.00 -8.74 2.53
N TRP B 365 32.44 -7.87 3.37
CA TRP B 365 32.70 -7.96 4.79
C TRP B 365 31.92 -9.15 5.33
N GLN B 366 32.64 -10.08 5.95
CA GLN B 366 32.06 -11.34 6.41
C GLN B 366 31.57 -11.20 7.85
N ASN B 367 30.25 -11.33 8.05
CA ASN B 367 29.66 -11.16 9.37
C ASN B 367 29.13 -12.47 9.98
N ASP B 368 29.08 -12.55 11.29
CA ASP B 368 28.55 -13.74 11.97
C ASP B 368 27.07 -13.56 12.24
N TYR B 369 26.25 -14.19 11.42
CA TYR B 369 24.83 -13.92 11.45
C TYR B 369 24.07 -14.82 12.44
N ASN B 370 24.75 -15.82 12.99
CA ASN B 370 24.14 -16.55 14.09
C ASN B 370 24.19 -15.68 15.35
N LYS B 371 25.25 -14.89 15.46
CA LYS B 371 25.36 -13.98 16.61
C LYS B 371 24.26 -12.93 16.52
N CYS B 372 24.02 -12.41 15.31
CA CYS B 372 22.95 -11.45 15.11
C CYS B 372 21.63 -12.03 15.57
N LEU B 373 21.27 -13.20 15.03
CA LEU B 373 19.97 -13.78 15.34
C LEU B 373 19.81 -14.04 16.84
N GLY B 374 20.92 -14.39 17.50
CA GLY B 374 20.91 -14.66 18.93
C GLY B 374 20.41 -13.49 19.75
N TYR B 375 20.56 -12.28 19.23
CA TYR B 375 20.14 -11.09 19.96
C TYR B 375 18.63 -10.83 19.84
N TRP B 376 17.98 -11.44 18.85
CA TRP B 376 16.57 -11.16 18.60
C TRP B 376 15.67 -11.73 19.72
N PRO B 377 15.87 -12.99 20.15
CA PRO B 377 15.09 -13.42 21.31
C PRO B 377 15.41 -12.66 22.60
N GLU B 378 16.66 -12.24 22.75
N GLU B 378 16.67 -12.26 22.74
CA GLU B 378 17.06 -11.53 23.96
CA GLU B 378 17.10 -11.52 23.92
C GLU B 378 16.43 -10.14 24.03
C GLU B 378 16.37 -10.18 24.01
N SER B 379 16.19 -9.52 22.87
CA SER B 379 15.63 -8.17 22.86
C SER B 379 14.15 -8.12 22.48
N GLY B 380 13.62 -9.23 22.00
CA GLY B 380 12.21 -9.29 21.64
C GLY B 380 11.80 -8.54 20.37
N GLY B 381 12.72 -8.43 19.43
CA GLY B 381 12.47 -7.73 18.18
C GLY B 381 13.38 -8.15 17.05
N TYR B 382 13.61 -7.25 16.09
CA TYR B 382 14.45 -7.55 14.93
C TYR B 382 15.67 -6.63 14.94
N CYS B 383 15.98 -6.11 16.12
CA CYS B 383 17.11 -5.20 16.35
C CYS B 383 17.16 -4.06 15.32
N GLY B 384 18.16 -4.07 14.45
CA GLY B 384 18.32 -2.98 13.49
C GLY B 384 19.19 -1.83 13.97
N VAL B 385 19.93 -2.04 15.05
CA VAL B 385 20.79 -0.99 15.59
C VAL B 385 21.83 -0.54 14.56
N CYS B 386 22.34 -1.48 13.77
CA CYS B 386 23.31 -1.16 12.71
C CYS B 386 22.76 -0.16 11.69
N VAL B 387 21.54 -0.42 11.21
CA VAL B 387 20.82 0.49 10.33
C VAL B 387 20.63 1.85 11.00
N ALA B 388 20.22 1.82 12.25
CA ALA B 388 19.94 3.05 13.01
C ALA B 388 21.16 3.96 13.19
N VAL B 389 22.34 3.39 13.46
CA VAL B 389 23.51 4.21 13.72
C VAL B 389 24.31 4.59 12.48
N CYS B 390 24.01 4.00 11.35
CA CYS B 390 24.79 4.26 10.14
C CYS B 390 24.65 5.73 9.72
N PRO B 391 25.78 6.41 9.49
CA PRO B 391 25.69 7.83 9.06
C PRO B 391 24.86 8.01 7.79
N PHE B 392 24.83 7.01 6.90
CA PHE B 392 24.08 7.14 5.65
C PHE B 392 22.57 7.16 5.89
N THR B 393 22.14 6.68 7.06
CA THR B 393 20.73 6.68 7.43
C THR B 393 20.25 8.10 7.76
N LYS B 394 21.18 8.96 8.12
CA LYS B 394 20.83 10.34 8.49
C LYS B 394 20.24 11.15 7.35
N GLY B 395 19.40 12.12 7.71
CA GLY B 395 18.56 12.84 6.77
C GLY B 395 19.21 13.43 5.53
N ASN B 396 20.18 14.31 5.74
CA ASN B 396 20.86 14.95 4.62
C ASN B 396 22.37 14.91 4.77
N ILE B 397 22.97 13.84 4.28
CA ILE B 397 24.42 13.67 4.32
C ILE B 397 25.06 14.28 3.06
N TRP B 398 24.21 14.76 2.16
CA TRP B 398 24.66 15.28 0.86
C TRP B 398 24.86 16.79 0.82
N ILE B 399 26.05 17.21 0.42
CA ILE B 399 26.37 18.63 0.22
C ILE B 399 26.93 18.85 -1.19
N HIS B 400 27.00 20.13 -1.60
CA HIS B 400 27.44 20.47 -2.95
C HIS B 400 28.42 21.64 -2.89
N ASP B 401 29.64 21.44 -3.43
CA ASP B 401 30.71 22.43 -3.24
C ASP B 401 30.73 23.51 -4.31
N GLY B 402 29.72 23.53 -5.17
CA GLY B 402 29.61 24.56 -6.19
C GLY B 402 29.88 24.04 -7.59
N VAL B 403 30.33 22.80 -7.68
CA VAL B 403 30.55 22.15 -8.96
C VAL B 403 29.89 20.76 -8.98
N GLU B 404 30.08 20.00 -7.90
CA GLU B 404 29.54 18.66 -7.83
C GLU B 404 29.08 18.28 -6.43
N TRP B 405 28.33 17.18 -6.35
CA TRP B 405 27.89 16.62 -5.07
C TRP B 405 28.98 15.78 -4.42
N LEU B 406 28.98 15.77 -3.09
CA LEU B 406 29.88 14.92 -2.33
C LEU B 406 29.26 14.56 -0.99
N ILE B 407 29.76 13.49 -0.38
CA ILE B 407 29.33 13.08 0.95
C ILE B 407 30.01 13.97 1.99
N ASP B 408 29.21 14.43 2.96
CA ASP B 408 29.74 15.19 4.08
C ASP B 408 30.49 14.24 5.02
N ASN B 409 31.82 14.31 5.01
CA ASN B 409 32.63 13.42 5.85
C ASN B 409 32.48 13.70 7.34
N THR B 410 32.04 14.92 7.65
CA THR B 410 31.79 15.36 9.02
C THR B 410 30.82 14.42 9.76
N ARG B 411 29.88 13.86 9.02
CA ARG B 411 28.84 13.03 9.59
C ARG B 411 29.17 11.54 9.44
N ASN B 431 12.58 9.42 22.59
CA ASN B 431 12.09 8.13 23.05
C ASN B 431 10.86 7.68 22.24
N ILE B 432 10.30 6.54 22.59
CA ILE B 432 9.16 6.00 21.83
C ILE B 432 7.88 6.83 22.05
N THR B 433 7.71 7.40 23.25
CA THR B 433 6.55 8.25 23.48
C THR B 433 6.56 9.43 22.52
N GLU B 434 7.74 10.00 22.30
CA GLU B 434 7.88 11.13 21.40
C GLU B 434 7.65 10.73 19.93
N VAL B 435 7.90 9.46 19.59
CA VAL B 435 7.61 8.99 18.25
C VAL B 435 6.08 8.92 18.03
N TRP B 436 5.38 8.28 18.95
CA TRP B 436 3.91 8.19 18.92
C TRP B 436 3.24 9.58 18.90
N ASP B 437 3.86 10.55 19.57
CA ASP B 437 3.30 11.90 19.68
C ASP B 437 3.84 12.84 18.59
N GLY B 438 4.68 12.30 17.74
CA GLY B 438 5.44 13.13 16.83
C GLY B 438 5.01 13.06 15.37
N LYS B 439 5.92 13.47 14.50
CA LYS B 439 5.66 13.56 13.07
C LYS B 439 5.38 12.21 12.43
N ILE B 440 4.31 12.14 11.64
CA ILE B 440 4.10 10.97 10.79
C ILE B 440 3.38 11.46 9.52
N ASN B 441 3.41 10.65 8.47
CA ASN B 441 2.73 10.99 7.23
C ASN B 441 2.43 9.64 6.56
N THR B 442 1.87 9.68 5.36
CA THR B 442 1.31 8.45 4.78
C THR B 442 2.39 7.39 4.54
N TYR B 443 2.11 6.18 4.98
CA TYR B 443 3.06 5.05 4.91
C TYR B 443 4.35 5.33 5.65
N GLY B 444 4.34 6.32 6.53
CA GLY B 444 5.55 6.66 7.26
C GLY B 444 6.59 7.38 6.43
N LEU B 445 6.20 7.83 5.23
CA LEU B 445 7.10 8.63 4.40
C LEU B 445 7.22 10.06 4.96
N ASP B 446 8.30 10.74 4.61
CA ASP B 446 8.61 12.07 5.18
C ASP B 446 8.58 13.12 4.08
N ALA B 447 7.68 14.10 4.20
CA ALA B 447 7.58 15.15 3.19
C ALA B 447 8.83 16.01 3.11
N ASP B 448 9.64 16.03 4.15
CA ASP B 448 10.89 16.79 4.12
C ASP B 448 11.85 16.23 3.07
N HIS B 449 11.69 14.94 2.73
CA HIS B 449 12.62 14.28 1.82
C HIS B 449 11.95 13.65 0.60
N PHE B 450 10.61 13.61 0.60
CA PHE B 450 9.87 12.86 -0.41
C PHE B 450 10.17 13.35 -1.84
N ARG B 451 10.60 14.59 -1.99
CA ARG B 451 10.99 15.08 -3.32
C ARG B 451 12.17 14.32 -3.92
N ASP B 452 13.00 13.72 -3.08
CA ASP B 452 14.17 13.00 -3.58
C ASP B 452 13.81 11.84 -4.51
N THR B 453 12.60 11.31 -4.39
CA THR B 453 12.24 10.14 -5.19
C THR B 453 11.24 10.46 -6.30
N VAL B 454 11.10 11.75 -6.62
CA VAL B 454 10.29 12.16 -7.76
C VAL B 454 10.96 11.61 -9.02
N SER B 455 10.15 11.29 -10.03
CA SER B 455 10.66 10.64 -11.22
C SER B 455 9.99 11.18 -12.46
N PHE B 456 10.80 11.48 -13.47
CA PHE B 456 10.34 11.80 -14.82
C PHE B 456 10.96 10.78 -15.77
N ARG B 457 10.48 10.73 -17.00
CA ARG B 457 11.03 9.78 -17.98
C ARG B 457 12.57 9.80 -18.06
N LYS B 458 13.17 11.00 -18.05
CA LYS B 458 14.62 11.09 -18.25
C LYS B 458 15.40 10.30 -17.19
N ASP B 459 14.85 10.15 -15.99
CA ASP B 459 15.55 9.38 -14.96
C ASP B 459 15.07 7.93 -14.91
N ARG B 460 14.01 7.62 -15.65
CA ARG B 460 13.55 6.23 -15.72
C ARG B 460 14.29 5.43 -16.80
N VAL B 461 14.60 6.07 -17.92
CA VAL B 461 15.28 5.37 -19.00
C VAL B 461 16.08 6.33 -19.87
#